data_6H3A
#
_entry.id   6H3A
#
_cell.length_a   299.914
_cell.length_b   299.914
_cell.length_c   299.914
_cell.angle_alpha   90.00
_cell.angle_beta   90.00
_cell.angle_gamma   90.00
#
_symmetry.space_group_name_H-M   'I 2 3'
#
loop_
_entity.id
_entity.type
_entity.pdbx_description
1 polymer 'SWI/SNF-related matrix-associated actin-dependent regulator of chromatin subfamily A containing DEAD/H box 1'
2 polymer 'Transcription intermediary factor 1-beta'
3 non-polymer 'ZINC ION'
#
loop_
_entity_poly.entity_id
_entity_poly.type
_entity_poly.pdbx_seq_one_letter_code
_entity_poly.pdbx_strand_id
1 'polypeptide(L)'
;SSDSEDVVSPNCSNTVQEKTFNKDTVIIVSEPSEDEESQGLPTMARRNDDISELEDLSELEDLKDAKLQTLKELFPQRSD
NDLLKLIESTSTMDGAIAAALLMFGDAGGGPRKRKLSSSSEPYEEDEFNDDQSIKKTRLDHGEESNESAESSSNWEKQES
IVLKLQKEFPNFDKQELREVLKEHEWMYTEALESLKVFAEDQDMQYVSQSEVPNGKEVSSRSQNYPKNATKTKLKQKFSM
KAQNGFNKKRKKN
;
D,B
2 'polypeptide(L)'
;GGGAEALELLEHCGVCRERLRPEREPRLLPCLHSACSACLGPAAPAAANSSGDGGAAGDGTVVDCPVCKQQCFSKDIVEN
YFMRDSGSKAATDAQDANQCCTSCEDNAPATSYCVECSEPLCETCVEAHQRVKYTKDHTVRSTGPAKSRDGERTVYCNVH
KHEPLVLFCESCDTLTCRDCQLNAHKDHQYQFLEDAVRNQRKLLASLVKRLGDKHATLQKSTKEVRSSIRQVSDVQKRVQ
VDVKMAILQIMKELNKRGRVLVNDAQKVTEGQQERLERQHWTMTKIQKHQEHILRFASWALESDNNTALLLSKKLIYFQL
HRALKMIVDPVEPHGEMKFQWDLNAWTKSAEAFGKIVAERPGTNSTGPAPMAPPRAPGPLSK
;
A,F
#
loop_
_chem_comp.id
_chem_comp.type
_chem_comp.name
_chem_comp.formula
ZN non-polymer 'ZINC ION' 'Zn 2'
#
# COMPACT_ATOMS: atom_id res chain seq x y z
N LEU A 57 -65.95 -16.48 11.95
CA LEU A 57 -64.96 -16.10 10.95
C LEU A 57 -65.09 -14.63 10.55
N SER A 58 -66.08 -13.94 11.14
CA SER A 58 -66.40 -12.57 10.74
C SER A 58 -65.27 -11.58 11.02
N GLU A 59 -64.19 -12.02 11.67
CA GLU A 59 -63.03 -11.15 11.87
C GLU A 59 -62.13 -11.13 10.65
N LEU A 60 -61.89 -12.31 10.07
CA LEU A 60 -61.01 -12.41 8.90
C LEU A 60 -61.54 -11.61 7.72
N GLU A 61 -62.87 -11.49 7.60
CA GLU A 61 -63.44 -10.73 6.50
C GLU A 61 -63.06 -9.25 6.60
N ASP A 62 -63.20 -8.66 7.79
CA ASP A 62 -62.77 -7.28 7.97
C ASP A 62 -61.26 -7.14 7.82
N LEU A 63 -60.50 -8.15 8.26
CA LEU A 63 -59.06 -8.11 8.08
C LEU A 63 -58.68 -8.02 6.60
N LYS A 64 -59.42 -8.73 5.74
CA LYS A 64 -59.18 -8.65 4.30
C LYS A 64 -59.67 -7.32 3.73
N ASP A 65 -60.86 -6.88 4.15
CA ASP A 65 -61.45 -5.64 3.63
C ASP A 65 -60.59 -4.43 3.95
N ALA A 66 -59.91 -4.43 5.10
CA ALA A 66 -59.03 -3.32 5.44
C ALA A 66 -57.97 -3.14 4.37
N LYS A 67 -57.23 -4.21 4.07
CA LYS A 67 -56.20 -4.15 3.04
C LYS A 67 -56.79 -3.83 1.67
N LEU A 68 -58.02 -4.27 1.40
CA LEU A 68 -58.65 -3.92 0.12
C LEU A 68 -58.86 -2.41 0.01
N GLN A 69 -59.41 -1.80 1.06
CA GLN A 69 -59.61 -0.35 1.07
C GLN A 69 -58.28 0.38 0.95
N THR A 70 -57.22 -0.18 1.54
CA THR A 70 -55.91 0.43 1.41
C THR A 70 -55.42 0.37 -0.04
N LEU A 71 -55.66 -0.74 -0.74
CA LEU A 71 -55.29 -0.82 -2.15
C LEU A 71 -56.06 0.20 -2.99
N LYS A 72 -57.36 0.34 -2.72
CA LYS A 72 -58.13 1.40 -3.36
C LYS A 72 -57.53 2.77 -3.06
N GLU A 73 -56.97 2.96 -1.86
CA GLU A 73 -56.28 4.21 -1.57
C GLU A 73 -55.03 4.35 -2.42
N LEU A 74 -54.18 3.33 -2.45
CA LEU A 74 -52.99 3.30 -3.29
C LEU A 74 -53.36 3.41 -4.76
N PHE A 75 -53.66 2.28 -5.38
CA PHE A 75 -54.03 2.38 -6.78
C PHE A 75 -55.52 2.19 -6.91
N PRO A 76 -56.27 3.25 -7.19
CA PRO A 76 -57.73 3.13 -7.14
C PRO A 76 -58.35 2.74 -8.46
N GLN A 77 -57.66 3.08 -9.56
CA GLN A 77 -58.24 2.91 -10.89
C GLN A 77 -58.58 1.45 -11.16
N ARG A 78 -57.75 0.53 -10.65
CA ARG A 78 -58.02 -0.89 -10.82
C ARG A 78 -59.29 -1.28 -10.08
N SER A 79 -60.11 -2.11 -10.71
CA SER A 79 -61.38 -2.49 -10.14
C SER A 79 -61.18 -3.30 -8.86
N ASP A 80 -62.29 -3.49 -8.13
CA ASP A 80 -62.24 -4.15 -6.83
C ASP A 80 -62.09 -5.67 -6.96
N ASN A 81 -62.86 -6.28 -7.87
CA ASN A 81 -62.76 -7.71 -8.08
C ASN A 81 -61.34 -8.12 -8.45
N ASP A 82 -60.64 -7.26 -9.19
CA ASP A 82 -59.25 -7.54 -9.55
C ASP A 82 -58.36 -7.55 -8.32
N LEU A 83 -58.52 -6.56 -7.45
CA LEU A 83 -57.68 -6.44 -6.25
C LEU A 83 -57.95 -7.57 -5.26
N LEU A 84 -59.17 -8.11 -5.26
CA LEU A 84 -59.49 -9.20 -4.34
C LEU A 84 -58.68 -10.46 -4.63
N LYS A 85 -58.61 -10.84 -5.91
CA LYS A 85 -57.85 -12.03 -6.29
C LYS A 85 -56.39 -11.90 -5.84
N LEU A 86 -55.84 -10.69 -5.90
CA LEU A 86 -54.44 -10.50 -5.54
C LEU A 86 -54.23 -10.49 -4.04
N ILE A 87 -55.17 -9.91 -3.27
CA ILE A 87 -55.02 -9.94 -1.81
C ILE A 87 -55.19 -11.36 -1.29
N GLU A 88 -55.89 -12.22 -2.04
CA GLU A 88 -55.91 -13.64 -1.68
C GLU A 88 -54.63 -14.35 -2.08
N SER A 89 -54.13 -14.08 -3.29
CA SER A 89 -52.95 -14.78 -3.80
C SER A 89 -51.71 -14.52 -2.93
N THR A 90 -51.63 -13.34 -2.30
CA THR A 90 -50.52 -12.99 -1.43
C THR A 90 -50.66 -13.60 -0.03
N SER A 91 -51.81 -14.16 0.30
CA SER A 91 -52.16 -14.55 1.67
C SER A 91 -52.10 -13.35 2.61
N THR A 92 -52.38 -12.16 2.07
CA THR A 92 -52.69 -10.95 2.83
C THR A 92 -51.50 -10.45 3.66
N MET A 93 -50.33 -10.31 3.00
CA MET A 93 -49.21 -9.58 3.58
C MET A 93 -49.36 -8.10 3.22
N ASP A 94 -49.01 -7.23 4.17
CA ASP A 94 -49.26 -5.80 3.98
C ASP A 94 -48.48 -5.24 2.79
N GLY A 95 -47.19 -5.57 2.70
CA GLY A 95 -46.33 -4.98 1.69
C GLY A 95 -46.17 -5.80 0.42
N ALA A 96 -46.17 -7.13 0.56
CA ALA A 96 -46.10 -7.99 -0.63
C ALA A 96 -47.31 -7.78 -1.53
N ILE A 97 -48.45 -7.40 -0.95
CA ILE A 97 -49.60 -7.02 -1.76
C ILE A 97 -49.28 -5.78 -2.59
N ALA A 98 -48.63 -4.78 -1.98
CA ALA A 98 -48.26 -3.59 -2.73
C ALA A 98 -47.27 -3.91 -3.84
N ALA A 99 -46.34 -4.84 -3.57
CA ALA A 99 -45.41 -5.32 -4.58
C ALA A 99 -46.12 -5.96 -5.78
N ALA A 100 -47.00 -6.94 -5.51
CA ALA A 100 -47.74 -7.56 -6.61
C ALA A 100 -48.67 -6.55 -7.30
N LEU A 101 -49.02 -5.47 -6.62
CA LEU A 101 -49.80 -4.41 -7.27
C LEU A 101 -48.93 -3.62 -8.24
N LEU A 102 -47.70 -3.27 -7.84
CA LEU A 102 -46.81 -2.68 -8.83
C LEU A 102 -46.56 -3.65 -9.98
N MET A 103 -46.68 -4.95 -9.74
CA MET A 103 -46.37 -5.92 -10.78
C MET A 103 -47.24 -5.68 -12.01
N PHE A 104 -48.55 -5.95 -11.91
CA PHE A 104 -49.46 -5.68 -13.00
C PHE A 104 -50.33 -4.47 -12.68
N GLY A 105 -50.69 -3.73 -13.73
CA GLY A 105 -51.25 -2.42 -13.57
C GLY A 105 -50.16 -1.36 -13.48
N ASP A 106 -50.60 -0.11 -13.47
CA ASP A 106 -49.68 1.02 -13.30
C ASP A 106 -48.83 0.83 -12.05
N ALA A 107 -47.55 1.20 -12.15
CA ALA A 107 -46.57 1.01 -11.10
C ALA A 107 -45.78 2.29 -10.84
N GLY A 108 -46.46 3.43 -10.86
CA GLY A 108 -45.80 4.71 -10.62
C GLY A 108 -46.74 5.65 -9.89
N GLY A 109 -46.14 6.46 -9.01
CA GLY A 109 -46.90 7.37 -8.18
C GLY A 109 -47.75 8.37 -8.95
N LEU B 7 -57.62 23.99 1.67
CA LEU B 7 -57.65 25.43 1.92
C LEU B 7 -57.91 26.17 0.61
N GLU B 8 -56.84 26.62 -0.04
CA GLU B 8 -56.94 27.24 -1.34
C GLU B 8 -57.43 26.27 -2.41
N LEU B 9 -57.40 24.97 -2.13
CA LEU B 9 -57.73 23.93 -3.11
C LEU B 9 -59.06 23.26 -2.84
N LEU B 10 -59.55 23.28 -1.61
CA LEU B 10 -60.85 22.68 -1.32
C LEU B 10 -61.97 23.46 -1.98
N GLU B 11 -61.99 24.79 -1.78
CA GLU B 11 -63.09 25.60 -2.29
C GLU B 11 -63.24 25.47 -3.79
N HIS B 12 -62.13 25.33 -4.51
CA HIS B 12 -62.20 25.39 -5.95
C HIS B 12 -62.82 24.10 -6.49
N CYS B 13 -63.15 24.13 -7.78
CA CYS B 13 -63.82 23.02 -8.44
C CYS B 13 -62.82 21.96 -8.90
N GLY B 14 -63.16 21.22 -9.95
CA GLY B 14 -62.35 20.09 -10.40
C GLY B 14 -61.25 20.45 -11.35
N VAL B 15 -61.50 20.33 -12.66
CA VAL B 15 -60.51 20.72 -13.65
C VAL B 15 -60.41 22.25 -13.79
N CYS B 16 -61.50 22.98 -13.57
CA CYS B 16 -61.49 24.42 -13.80
C CYS B 16 -61.04 25.22 -12.58
N ARG B 17 -61.05 24.62 -11.38
CA ARG B 17 -60.68 25.31 -10.14
C ARG B 17 -61.46 26.62 -9.97
N GLU B 18 -62.69 26.64 -10.47
CA GLU B 18 -63.56 27.78 -10.25
C GLU B 18 -64.05 27.81 -8.80
N ARG B 19 -64.28 29.01 -8.29
CA ARG B 19 -64.89 29.16 -6.97
C ARG B 19 -66.25 28.46 -6.96
N LEU B 20 -66.57 27.87 -5.80
CA LEU B 20 -67.84 27.16 -5.61
C LEU B 20 -69.03 27.98 -6.07
N ARG B 21 -69.43 27.83 -7.32
CA ARG B 21 -70.63 28.52 -7.81
C ARG B 21 -71.84 27.63 -7.59
N PRO B 22 -72.82 28.05 -6.79
CA PRO B 22 -73.99 27.18 -6.56
C PRO B 22 -74.79 26.92 -7.84
N GLU B 23 -74.87 27.91 -8.74
CA GLU B 23 -75.51 27.69 -10.03
C GLU B 23 -74.78 26.65 -10.87
N ARG B 24 -73.51 26.35 -10.55
CA ARG B 24 -72.77 25.36 -11.32
C ARG B 24 -73.23 23.94 -11.05
N GLU B 25 -74.27 23.78 -10.22
CA GLU B 25 -74.79 22.48 -9.77
C GLU B 25 -73.65 21.55 -9.40
N PRO B 26 -72.75 21.93 -8.49
CA PRO B 26 -71.59 21.09 -8.22
C PRO B 26 -71.99 19.85 -7.44
N ARG B 27 -71.33 18.72 -7.74
CA ARG B 27 -71.58 17.44 -7.09
C ARG B 27 -70.33 16.96 -6.36
N LEU B 28 -70.54 16.03 -5.42
CA LEU B 28 -69.50 15.55 -4.53
C LEU B 28 -69.41 14.03 -4.62
N LEU B 29 -68.21 13.53 -4.86
CA LEU B 29 -67.99 12.12 -5.08
C LEU B 29 -67.86 11.35 -3.78
N PRO B 30 -68.07 10.03 -3.81
CA PRO B 30 -67.83 9.24 -2.59
C PRO B 30 -66.42 9.37 -2.05
N CYS B 31 -65.44 9.69 -2.91
CA CYS B 31 -64.06 9.90 -2.48
C CYS B 31 -63.85 11.27 -1.84
N LEU B 32 -64.89 12.09 -1.77
CA LEU B 32 -65.01 13.35 -1.04
C LEU B 32 -64.52 14.55 -1.84
N HIS B 33 -63.90 14.35 -3.00
CA HIS B 33 -63.61 15.48 -3.87
C HIS B 33 -64.91 16.16 -4.28
N SER B 34 -64.80 17.42 -4.70
CA SER B 34 -65.96 18.24 -5.06
C SER B 34 -65.70 18.94 -6.38
N ALA B 35 -66.64 18.79 -7.33
CA ALA B 35 -66.47 19.41 -8.64
C ALA B 35 -67.83 19.55 -9.30
N CYS B 36 -67.93 20.53 -10.19
CA CYS B 36 -69.20 20.70 -10.89
C CYS B 36 -69.38 19.61 -11.94
N SER B 37 -70.66 19.29 -12.19
CA SER B 37 -71.00 18.22 -13.12
C SER B 37 -70.72 18.75 -14.51
N ALA B 38 -70.07 19.88 -14.53
CA ALA B 38 -69.48 20.39 -15.74
C ALA B 38 -67.98 20.07 -15.83
N CYS B 39 -67.43 19.35 -14.84
CA CYS B 39 -66.06 18.88 -14.93
C CYS B 39 -65.95 17.49 -15.50
N LEU B 40 -66.88 16.60 -15.16
CA LEU B 40 -66.91 15.25 -15.70
C LEU B 40 -68.36 14.84 -15.94
N GLY B 41 -68.66 14.44 -17.16
CA GLY B 41 -70.01 14.11 -17.57
C GLY B 41 -70.31 12.63 -17.59
N PRO B 42 -69.59 11.86 -18.43
CA PRO B 42 -69.81 10.41 -18.54
C PRO B 42 -69.61 9.66 -17.22
N THR B 61 -71.83 5.46 -17.57
CA THR B 61 -72.25 4.61 -16.47
C THR B 61 -71.57 5.02 -15.16
N VAL B 62 -70.68 4.16 -14.65
CA VAL B 62 -69.99 4.44 -13.39
C VAL B 62 -69.04 5.62 -13.59
N VAL B 63 -69.05 6.55 -12.63
CA VAL B 63 -68.30 7.79 -12.74
C VAL B 63 -67.10 7.75 -11.81
N ASP B 64 -65.96 8.24 -12.30
CA ASP B 64 -64.69 8.19 -11.59
C ASP B 64 -64.26 9.59 -11.17
N CYS B 65 -63.25 9.64 -10.27
CA CYS B 65 -62.75 10.87 -9.68
C CYS B 65 -61.62 11.46 -10.51
N PRO B 66 -61.48 12.79 -10.49
CA PRO B 66 -60.25 13.41 -11.00
C PRO B 66 -59.01 13.03 -10.20
N VAL B 67 -59.14 12.38 -9.04
CA VAL B 67 -57.96 12.05 -8.26
C VAL B 67 -57.96 10.58 -7.86
N CYS B 68 -59.09 10.09 -7.32
CA CYS B 68 -59.19 8.73 -6.83
C CYS B 68 -59.68 7.76 -7.91
N LYS B 69 -60.82 7.11 -7.67
CA LYS B 69 -61.34 6.07 -8.53
C LYS B 69 -62.81 6.32 -8.86
N GLN B 70 -63.33 5.42 -9.70
CA GLN B 70 -64.76 5.23 -9.90
C GLN B 70 -65.35 4.46 -8.73
N GLN B 71 -65.06 4.99 -7.55
CA GLN B 71 -65.39 4.32 -6.28
C GLN B 71 -66.88 3.97 -6.17
N CYS B 72 -67.74 4.59 -6.96
CA CYS B 72 -69.15 4.22 -6.96
C CYS B 72 -69.79 4.56 -8.30
N PHE B 73 -70.85 3.82 -8.64
CA PHE B 73 -71.80 4.17 -9.70
C PHE B 73 -72.25 5.61 -9.52
N SER B 74 -72.83 6.21 -10.57
CA SER B 74 -73.35 7.57 -10.45
C SER B 74 -74.52 7.65 -9.48
N LYS B 75 -75.17 6.52 -9.19
CA LYS B 75 -76.34 6.50 -8.30
C LYS B 75 -76.01 7.00 -6.90
N ASP B 76 -74.78 6.84 -6.44
CA ASP B 76 -74.38 7.29 -5.11
C ASP B 76 -73.58 8.58 -5.18
N ILE B 77 -74.07 9.55 -5.94
CA ILE B 77 -73.39 10.81 -6.14
C ILE B 77 -74.35 11.93 -5.76
N VAL B 78 -74.04 12.64 -4.71
CA VAL B 78 -74.88 13.74 -4.24
C VAL B 78 -74.30 15.04 -4.75
N GLU B 79 -75.18 15.96 -5.14
CA GLU B 79 -74.77 17.29 -5.53
C GLU B 79 -74.25 18.05 -4.31
N ASN B 80 -73.07 18.67 -4.46
CA ASN B 80 -72.50 19.48 -3.39
C ASN B 80 -73.39 20.69 -3.13
N TYR B 81 -73.82 20.86 -1.88
CA TYR B 81 -74.54 22.06 -1.46
C TYR B 81 -73.56 22.92 -0.67
N PHE B 82 -73.02 23.96 -1.32
CA PHE B 82 -72.09 24.91 -0.68
C PHE B 82 -72.37 26.29 -1.27
N MET B 83 -73.28 27.00 -0.63
CA MET B 83 -73.81 28.26 -1.13
C MET B 83 -73.39 29.34 -0.13
N ARG B 84 -72.17 29.84 -0.30
CA ARG B 84 -71.56 30.71 0.70
C ARG B 84 -72.24 32.06 0.76
N ASP B 85 -72.54 32.50 1.97
CA ASP B 85 -73.21 33.76 2.26
C ASP B 85 -74.59 33.81 1.61
N GLU B 152 -78.96 32.20 0.80
CA GLU B 152 -79.59 30.91 0.54
C GLU B 152 -79.20 29.89 1.61
N ARG B 153 -79.30 30.30 2.87
CA ARG B 153 -79.06 29.38 3.98
C ARG B 153 -80.03 28.20 3.96
N THR B 154 -81.12 28.31 3.21
CA THR B 154 -82.22 27.36 3.27
C THR B 154 -82.19 26.42 2.07
N VAL B 155 -82.58 25.17 2.31
CA VAL B 155 -82.83 24.20 1.26
C VAL B 155 -84.14 23.50 1.60
N TYR B 156 -84.97 23.25 0.59
CA TYR B 156 -86.34 22.80 0.78
C TYR B 156 -86.50 21.31 0.52
N CYS B 157 -87.56 20.74 1.09
CA CYS B 157 -87.76 19.30 1.13
C CYS B 157 -87.90 18.70 -0.27
N ASN B 158 -87.66 17.38 -0.37
CA ASN B 158 -87.70 16.72 -1.67
C ASN B 158 -89.10 16.67 -2.23
N VAL B 159 -90.07 16.23 -1.42
CA VAL B 159 -91.38 15.84 -1.88
C VAL B 159 -92.38 16.97 -1.76
N HIS B 160 -92.56 17.50 -0.54
CA HIS B 160 -93.62 18.45 -0.28
C HIS B 160 -93.23 19.85 -0.74
N LYS B 161 -92.37 19.91 -1.74
CA LYS B 161 -92.05 21.14 -2.49
C LYS B 161 -91.52 22.19 -1.52
N HIS B 162 -92.20 23.32 -1.36
CA HIS B 162 -91.69 24.48 -0.64
C HIS B 162 -91.77 24.31 0.88
N GLU B 163 -92.16 23.15 1.39
CA GLU B 163 -92.21 22.94 2.84
C GLU B 163 -90.86 22.46 3.33
N PRO B 164 -90.06 23.31 3.97
CA PRO B 164 -88.66 22.95 4.22
C PRO B 164 -88.52 21.95 5.35
N LEU B 165 -87.46 21.14 5.26
CA LEU B 165 -87.08 20.26 6.35
C LEU B 165 -86.40 21.05 7.45
N VAL B 166 -86.79 20.78 8.70
CA VAL B 166 -86.21 21.39 9.89
C VAL B 166 -86.15 20.31 10.95
N LEU B 167 -86.98 19.30 10.79
CA LEU B 167 -87.21 18.30 11.83
C LEU B 167 -86.37 17.06 11.56
N PHE B 168 -86.05 16.34 12.63
CA PHE B 168 -85.19 15.17 12.56
C PHE B 168 -86.04 13.92 12.82
N CYS B 169 -86.16 13.06 11.81
CA CYS B 169 -86.89 11.82 11.96
C CYS B 169 -85.98 10.80 12.63
N GLU B 170 -86.18 10.58 13.93
CA GLU B 170 -85.28 9.71 14.67
C GLU B 170 -85.37 8.26 14.23
N SER B 171 -86.46 7.86 13.58
CA SER B 171 -86.61 6.51 13.07
C SER B 171 -86.11 6.35 11.64
N CYS B 172 -85.50 7.38 11.06
CA CYS B 172 -84.99 7.28 9.69
C CYS B 172 -83.63 7.97 9.51
N ASP B 173 -82.93 8.32 10.59
CA ASP B 173 -81.53 8.74 10.55
C ASP B 173 -81.31 10.05 9.78
N THR B 174 -82.36 10.66 9.25
CA THR B 174 -82.24 11.87 8.44
C THR B 174 -83.32 12.86 8.83
N LEU B 175 -83.44 13.93 8.05
CA LEU B 175 -84.38 15.01 8.34
C LEU B 175 -85.62 14.91 7.47
N THR B 176 -86.68 15.56 7.95
CA THR B 176 -87.93 15.66 7.24
C THR B 176 -88.55 17.01 7.55
N CYS B 177 -89.54 17.39 6.73
CA CYS B 177 -90.34 18.56 6.99
C CYS B 177 -91.58 18.14 7.79
N ARG B 178 -92.44 19.10 8.07
CA ARG B 178 -93.57 18.82 8.95
C ARG B 178 -94.54 17.82 8.32
N ASP B 179 -94.62 17.78 7.00
CA ASP B 179 -95.60 16.94 6.34
C ASP B 179 -95.23 15.47 6.43
N CYS B 180 -93.94 15.15 6.27
CA CYS B 180 -93.53 13.74 6.34
C CYS B 180 -93.70 13.17 7.73
N GLN B 181 -93.51 13.99 8.76
CA GLN B 181 -93.70 13.52 10.14
C GLN B 181 -95.17 13.40 10.51
N LEU B 182 -96.06 14.04 9.75
CA LEU B 182 -97.49 13.74 9.83
C LEU B 182 -97.87 12.63 8.86
N ASN B 183 -97.18 12.54 7.73
CA ASN B 183 -97.44 11.49 6.76
C ASN B 183 -96.57 10.26 7.00
N ALA B 184 -95.37 10.26 6.43
CA ALA B 184 -94.56 9.05 6.33
C ALA B 184 -94.18 8.51 7.70
N HIS B 185 -93.86 9.38 8.64
CA HIS B 185 -93.34 8.97 9.94
C HIS B 185 -94.37 9.24 11.03
N LYS B 186 -95.63 8.87 10.77
CA LYS B 186 -96.71 9.14 11.69
C LYS B 186 -96.54 8.26 12.92
N ASP B 187 -96.38 8.88 14.09
CA ASP B 187 -96.10 8.19 15.34
C ASP B 187 -94.83 7.35 15.26
N HIS B 188 -93.94 7.68 14.32
CA HIS B 188 -92.54 7.28 14.47
C HIS B 188 -91.90 8.14 15.54
N GLN B 189 -91.11 7.49 16.42
CA GLN B 189 -90.50 8.17 17.56
C GLN B 189 -89.63 9.32 17.08
N TYR B 190 -89.77 10.45 17.76
CA TYR B 190 -89.55 11.75 17.18
C TYR B 190 -88.48 12.52 17.95
N GLN B 191 -87.88 13.49 17.26
CA GLN B 191 -86.85 14.34 17.84
C GLN B 191 -86.78 15.63 17.03
N PHE B 192 -86.19 16.65 17.65
CA PHE B 192 -86.00 17.96 17.04
C PHE B 192 -84.55 18.12 16.59
N LEU B 193 -84.29 19.24 15.93
CA LEU B 193 -82.98 19.47 15.34
C LEU B 193 -81.92 19.73 16.39
N GLU B 194 -82.26 20.52 17.41
CA GLU B 194 -81.23 21.06 18.28
C GLU B 194 -80.45 19.96 19.01
N ASP B 195 -81.17 19.10 19.75
CA ASP B 195 -80.55 18.05 20.53
C ASP B 195 -79.74 17.07 19.69
N ALA B 196 -80.31 16.57 18.59
CA ALA B 196 -79.56 15.65 17.73
C ALA B 196 -78.35 16.33 17.11
N VAL B 197 -78.46 17.63 16.77
CA VAL B 197 -77.31 18.36 16.25
C VAL B 197 -76.21 18.46 17.30
N ARG B 198 -76.56 18.85 18.53
CA ARG B 198 -75.54 18.93 19.57
C ARG B 198 -74.86 17.58 19.75
N ASN B 199 -75.66 16.51 19.84
CA ASN B 199 -75.09 15.19 20.07
C ASN B 199 -74.20 14.75 18.92
N GLN B 200 -74.61 15.04 17.68
CA GLN B 200 -73.81 14.62 16.55
C GLN B 200 -72.51 15.39 16.48
N ARG B 201 -72.54 16.69 16.77
CA ARG B 201 -71.30 17.45 16.81
C ARG B 201 -70.36 16.88 17.87
N LYS B 202 -70.91 16.52 19.03
CA LYS B 202 -70.06 16.03 20.11
C LYS B 202 -69.48 14.64 19.82
N LEU B 203 -70.18 13.82 19.02
CA LEU B 203 -69.59 12.54 18.63
C LEU B 203 -68.59 12.68 17.49
N LEU B 204 -68.88 13.53 16.51
CA LEU B 204 -67.92 13.74 15.43
C LEU B 204 -66.67 14.40 15.94
N ALA B 205 -66.78 15.29 16.94
CA ALA B 205 -65.58 15.93 17.48
C ALA B 205 -64.69 14.91 18.15
N SER B 206 -65.29 13.93 18.82
CA SER B 206 -64.51 12.86 19.44
C SER B 206 -63.80 12.01 18.38
N LEU B 207 -64.55 11.62 17.35
CA LEU B 207 -63.95 10.91 16.22
C LEU B 207 -62.77 11.68 15.64
N VAL B 208 -62.96 12.97 15.40
CA VAL B 208 -61.92 13.80 14.79
C VAL B 208 -60.72 13.91 15.71
N LYS B 209 -60.94 14.12 17.01
CA LYS B 209 -59.83 14.28 17.93
C LYS B 209 -58.97 13.02 17.99
N ARG B 210 -59.62 11.86 18.09
CA ARG B 210 -58.83 10.63 18.15
C ARG B 210 -58.12 10.35 16.82
N LEU B 211 -58.78 10.64 15.70
CA LEU B 211 -58.10 10.46 14.43
C LEU B 211 -56.94 11.43 14.25
N GLY B 212 -57.06 12.65 14.79
CA GLY B 212 -55.94 13.57 14.76
C GLY B 212 -54.79 13.10 15.62
N ASP B 213 -55.10 12.58 16.82
CA ASP B 213 -54.07 12.00 17.67
C ASP B 213 -53.41 10.81 17.00
N LYS B 214 -54.06 10.20 16.02
CA LYS B 214 -53.42 9.07 15.34
C LYS B 214 -52.61 9.54 14.13
N HIS B 215 -53.17 10.45 13.35
CA HIS B 215 -52.38 11.06 12.29
C HIS B 215 -51.12 11.77 12.82
N ALA B 216 -51.10 12.16 14.11
CA ALA B 216 -49.87 12.66 14.70
C ALA B 216 -48.81 11.57 14.83
N THR B 217 -49.20 10.36 15.28
CA THR B 217 -48.30 9.22 15.19
C THR B 217 -47.83 8.98 13.76
N LEU B 218 -48.69 9.21 12.77
CA LEU B 218 -48.21 9.13 11.39
C LEU B 218 -47.13 10.17 11.14
N GLN B 219 -47.42 11.41 11.54
CA GLN B 219 -46.53 12.53 11.25
C GLN B 219 -45.20 12.37 11.96
N LYS B 220 -45.14 11.53 12.99
CA LYS B 220 -43.87 11.31 13.68
C LYS B 220 -43.16 10.08 13.13
N SER B 221 -43.90 9.00 12.85
CA SER B 221 -43.29 7.81 12.28
C SER B 221 -42.75 8.05 10.87
N THR B 222 -43.30 9.05 10.16
CA THR B 222 -42.75 9.46 8.89
C THR B 222 -41.30 9.91 9.03
N LYS B 223 -41.05 10.88 9.93
CA LYS B 223 -39.69 11.35 10.16
C LYS B 223 -38.81 10.25 10.74
N GLU B 224 -39.39 9.36 11.56
CA GLU B 224 -38.62 8.25 12.11
C GLU B 224 -38.08 7.35 11.01
N VAL B 225 -38.94 6.88 10.10
CA VAL B 225 -38.47 6.04 9.01
C VAL B 225 -37.59 6.81 8.03
N ARG B 226 -37.88 8.11 7.83
CA ARG B 226 -37.02 8.93 6.98
C ARG B 226 -35.60 8.99 7.51
N SER B 227 -35.44 9.08 8.83
CA SER B 227 -34.11 9.05 9.41
C SER B 227 -33.52 7.65 9.38
N SER B 228 -34.36 6.62 9.53
CA SER B 228 -33.88 5.25 9.47
C SER B 228 -33.29 4.91 8.10
N ILE B 229 -33.83 5.50 7.04
CA ILE B 229 -33.31 5.26 5.68
C ILE B 229 -31.90 5.84 5.53
N ARG B 230 -31.72 7.10 5.93
CA ARG B 230 -30.38 7.68 5.94
C ARG B 230 -29.45 6.88 6.84
N GLN B 231 -29.96 6.34 7.95
CA GLN B 231 -29.13 5.55 8.85
C GLN B 231 -28.66 4.26 8.19
N VAL B 232 -29.54 3.59 7.44
CA VAL B 232 -29.12 2.35 6.78
C VAL B 232 -28.14 2.65 5.64
N SER B 233 -28.39 3.74 4.90
CA SER B 233 -27.43 4.16 3.86
C SER B 233 -26.07 4.47 4.48
N ASP B 234 -26.06 5.11 5.65
CA ASP B 234 -24.82 5.37 6.36
C ASP B 234 -24.19 4.10 6.88
N VAL B 235 -25.00 3.09 7.21
CA VAL B 235 -24.44 1.80 7.60
C VAL B 235 -23.68 1.19 6.43
N GLN B 236 -24.27 1.22 5.22
CA GLN B 236 -23.57 0.75 4.04
C GLN B 236 -22.25 1.50 3.84
N LYS B 237 -22.30 2.84 3.90
CA LYS B 237 -21.08 3.61 3.70
C LYS B 237 -20.02 3.31 4.77
N ARG B 238 -20.43 3.19 6.04
CA ARG B 238 -19.49 2.92 7.14
C ARG B 238 -18.88 1.53 7.04
N VAL B 239 -19.63 0.53 6.56
CA VAL B 239 -19.02 -0.76 6.25
C VAL B 239 -18.04 -0.63 5.08
N GLN B 240 -18.39 0.19 4.09
CA GLN B 240 -17.51 0.45 2.97
C GLN B 240 -16.16 0.99 3.46
N VAL B 241 -16.18 1.83 4.48
CA VAL B 241 -14.92 2.37 5.00
C VAL B 241 -14.22 1.38 5.93
N ASP B 242 -14.99 0.63 6.74
CA ASP B 242 -14.39 -0.32 7.67
C ASP B 242 -13.56 -1.36 6.93
N VAL B 243 -14.08 -1.86 5.81
CA VAL B 243 -13.35 -2.85 5.03
C VAL B 243 -12.01 -2.30 4.57
N LYS B 244 -12.05 -1.10 3.96
CA LYS B 244 -10.83 -0.50 3.44
C LYS B 244 -9.81 -0.26 4.54
N MET B 245 -10.25 0.16 5.73
CA MET B 245 -9.29 0.43 6.79
C MET B 245 -8.69 -0.86 7.37
N ALA B 246 -9.48 -1.93 7.45
CA ALA B 246 -8.89 -3.23 7.79
C ALA B 246 -7.85 -3.65 6.75
N ILE B 247 -8.17 -3.45 5.46
CA ILE B 247 -7.22 -3.70 4.38
C ILE B 247 -5.92 -2.94 4.62
N LEU B 248 -6.03 -1.65 4.91
CA LEU B 248 -4.85 -0.79 4.97
C LEU B 248 -4.00 -1.09 6.19
N GLN B 249 -4.62 -1.42 7.33
CA GLN B 249 -3.86 -1.86 8.49
C GLN B 249 -3.09 -3.16 8.20
N ILE B 250 -3.74 -4.09 7.48
CA ILE B 250 -3.06 -5.32 7.08
C ILE B 250 -1.85 -5.01 6.22
N MET B 251 -2.02 -4.08 5.26
CA MET B 251 -0.93 -3.64 4.40
C MET B 251 0.20 -3.01 5.20
N LYS B 252 -0.12 -2.22 6.22
CA LYS B 252 0.87 -1.58 7.08
C LYS B 252 1.78 -2.62 7.76
N GLU B 253 1.17 -3.51 8.55
CA GLU B 253 1.98 -4.49 9.26
C GLU B 253 2.71 -5.43 8.28
N LEU B 254 2.13 -5.64 7.10
CA LEU B 254 2.80 -6.47 6.09
C LEU B 254 4.04 -5.77 5.54
N ASN B 255 3.94 -4.49 5.21
CA ASN B 255 5.11 -3.77 4.70
C ASN B 255 6.18 -3.61 5.78
N LYS B 256 5.79 -3.54 7.06
CA LYS B 256 6.77 -3.62 8.13
C LYS B 256 7.52 -4.96 8.09
N ARG B 257 6.78 -6.07 8.17
CA ARG B 257 7.39 -7.40 8.17
C ARG B 257 8.03 -7.78 6.83
N GLY B 258 7.83 -6.97 5.79
CA GLY B 258 8.49 -7.20 4.53
C GLY B 258 9.75 -6.36 4.37
N ARG B 259 9.71 -5.09 4.80
CA ARG B 259 10.91 -4.28 4.72
C ARG B 259 11.92 -4.67 5.79
N VAL B 260 11.46 -5.26 6.89
CA VAL B 260 12.41 -5.84 7.85
C VAL B 260 13.20 -6.96 7.17
N LEU B 261 12.55 -7.75 6.32
CA LEU B 261 13.26 -8.80 5.60
C LEU B 261 14.08 -8.22 4.45
N VAL B 262 13.64 -7.11 3.87
CA VAL B 262 14.41 -6.42 2.83
C VAL B 262 15.70 -5.83 3.40
N ASN B 263 15.67 -5.38 4.65
CA ASN B 263 16.89 -4.94 5.32
C ASN B 263 17.90 -6.06 5.46
N ASP B 264 17.47 -7.32 5.45
CA ASP B 264 18.43 -8.42 5.37
C ASP B 264 19.17 -8.40 4.03
N ALA B 265 18.45 -8.14 2.93
CA ALA B 265 19.12 -8.05 1.64
C ALA B 265 20.06 -6.84 1.60
N GLN B 266 19.62 -5.72 2.16
CA GLN B 266 20.49 -4.56 2.33
C GLN B 266 21.77 -4.94 3.06
N LYS B 267 21.64 -5.53 4.26
CA LYS B 267 22.79 -5.85 5.10
C LYS B 267 23.74 -6.82 4.40
N VAL B 268 23.19 -7.89 3.79
CA VAL B 268 24.03 -8.85 3.09
C VAL B 268 24.74 -8.20 1.92
N THR B 269 23.97 -7.71 0.93
CA THR B 269 24.56 -7.08 -0.24
C THR B 269 25.68 -6.10 0.14
N GLU B 270 25.47 -5.30 1.19
CA GLU B 270 26.51 -4.34 1.55
C GLU B 270 27.64 -4.96 2.36
N GLY B 271 27.43 -6.09 3.03
CA GLY B 271 28.56 -6.78 3.65
C GLY B 271 29.44 -7.48 2.65
N GLN B 272 28.81 -8.19 1.70
CA GLN B 272 29.54 -8.72 0.56
C GLN B 272 30.27 -7.62 -0.20
N GLN B 273 29.65 -6.44 -0.32
CA GLN B 273 30.33 -5.34 -1.02
C GLN B 273 31.44 -4.73 -0.18
N GLU B 274 31.29 -4.71 1.16
CA GLU B 274 32.41 -4.33 2.02
C GLU B 274 33.58 -5.28 1.82
N ARG B 275 33.29 -6.59 1.71
CA ARG B 275 34.35 -7.55 1.46
C ARG B 275 34.99 -7.34 0.09
N LEU B 276 34.17 -7.07 -0.93
CA LEU B 276 34.70 -6.84 -2.27
C LEU B 276 35.53 -5.57 -2.34
N GLU B 277 35.11 -4.51 -1.64
CA GLU B 277 35.90 -3.30 -1.52
C GLU B 277 37.23 -3.60 -0.85
N ARG B 278 37.20 -4.31 0.29
CA ARG B 278 38.44 -4.71 0.95
C ARG B 278 39.36 -5.46 0.00
N GLN B 279 38.81 -6.39 -0.77
CA GLN B 279 39.66 -7.24 -1.62
C GLN B 279 40.20 -6.47 -2.82
N HIS B 280 39.37 -5.65 -3.47
CA HIS B 280 39.88 -4.79 -4.54
C HIS B 280 40.90 -3.80 -4.01
N TRP B 281 40.71 -3.32 -2.79
CA TRP B 281 41.67 -2.38 -2.21
C TRP B 281 43.01 -3.06 -1.97
N THR B 282 42.97 -4.23 -1.34
CA THR B 282 44.15 -5.05 -1.14
C THR B 282 44.86 -5.30 -2.47
N MET B 283 44.10 -5.73 -3.48
CA MET B 283 44.70 -6.05 -4.77
C MET B 283 45.36 -4.82 -5.37
N THR B 284 44.69 -3.66 -5.30
CA THR B 284 45.25 -2.45 -5.88
C THR B 284 46.54 -2.04 -5.17
N LYS B 285 46.52 -2.03 -3.84
CA LYS B 285 47.71 -1.58 -3.12
C LYS B 285 48.87 -2.54 -3.32
N ILE B 286 48.58 -3.83 -3.37
CA ILE B 286 49.64 -4.82 -3.59
C ILE B 286 50.17 -4.73 -5.01
N GLN B 287 49.28 -4.53 -5.98
CA GLN B 287 49.71 -4.36 -7.36
C GLN B 287 50.61 -3.14 -7.51
N LYS B 288 50.34 -2.08 -6.75
CA LYS B 288 51.20 -0.90 -6.84
C LYS B 288 52.56 -1.14 -6.21
N HIS B 289 52.60 -1.83 -5.06
CA HIS B 289 53.91 -2.18 -4.49
C HIS B 289 54.70 -3.07 -5.45
N GLN B 290 54.05 -4.07 -6.05
CA GLN B 290 54.71 -4.92 -7.03
C GLN B 290 55.13 -4.13 -8.25
N GLU B 291 54.33 -3.14 -8.67
CA GLU B 291 54.66 -2.38 -9.86
C GLU B 291 55.85 -1.46 -9.60
N HIS B 292 55.96 -0.91 -8.39
CA HIS B 292 57.17 -0.15 -8.05
C HIS B 292 58.40 -1.06 -8.06
N ILE B 293 58.33 -2.19 -7.36
CA ILE B 293 59.45 -3.14 -7.33
C ILE B 293 59.84 -3.53 -8.75
N LEU B 294 58.85 -3.86 -9.57
CA LEU B 294 59.09 -4.34 -10.92
C LEU B 294 59.66 -3.24 -11.80
N ARG B 295 59.12 -2.02 -11.69
CA ARG B 295 59.60 -0.91 -12.48
C ARG B 295 61.06 -0.62 -12.17
N PHE B 296 61.40 -0.52 -10.89
CA PHE B 296 62.79 -0.19 -10.55
C PHE B 296 63.75 -1.30 -10.98
N ALA B 297 63.41 -2.56 -10.65
CA ALA B 297 64.27 -3.66 -11.08
C ALA B 297 64.41 -3.70 -12.60
N SER B 298 63.31 -3.48 -13.32
CA SER B 298 63.33 -3.56 -14.78
C SER B 298 64.24 -2.49 -15.37
N TRP B 299 64.11 -1.25 -14.90
CA TRP B 299 65.02 -0.21 -15.39
C TRP B 299 66.46 -0.55 -15.04
N ALA B 300 66.72 -0.93 -13.78
CA ALA B 300 68.10 -1.18 -13.36
C ALA B 300 68.74 -2.27 -14.21
N LEU B 301 67.97 -3.29 -14.61
CA LEU B 301 68.52 -4.35 -15.45
C LEU B 301 68.68 -3.92 -16.90
N GLU B 302 67.68 -3.25 -17.48
CA GLU B 302 67.72 -2.91 -18.90
C GLU B 302 68.92 -2.03 -19.23
N SER B 303 69.39 -1.24 -18.27
CA SER B 303 70.66 -0.55 -18.40
C SER B 303 71.76 -1.54 -18.04
N ASP B 304 72.18 -2.31 -19.04
CA ASP B 304 73.23 -3.31 -18.86
C ASP B 304 74.46 -3.02 -19.70
N ASN B 305 74.52 -1.87 -20.37
CA ASN B 305 75.66 -1.47 -21.18
C ASN B 305 76.68 -0.74 -20.32
N ASN B 306 77.84 -1.36 -20.10
CA ASN B 306 78.94 -0.78 -19.32
C ASN B 306 78.52 -0.50 -17.87
N THR B 307 77.70 -1.39 -17.31
CA THR B 307 77.18 -1.24 -15.96
C THR B 307 77.27 -2.53 -15.14
N ALA B 308 77.93 -3.57 -15.67
CA ALA B 308 78.06 -4.82 -14.93
C ALA B 308 78.71 -4.59 -13.58
N LEU B 309 79.66 -3.64 -13.51
CA LEU B 309 80.29 -3.28 -12.24
C LEU B 309 79.25 -2.81 -11.22
N LEU B 310 78.44 -1.82 -11.59
CA LEU B 310 77.45 -1.27 -10.67
C LEU B 310 76.41 -2.33 -10.29
N LEU B 311 76.02 -3.18 -11.24
CA LEU B 311 74.95 -4.15 -11.03
C LEU B 311 75.38 -5.26 -10.10
N SER B 312 76.44 -5.98 -10.44
CA SER B 312 76.86 -7.14 -9.67
C SER B 312 76.92 -6.88 -8.15
N LYS B 313 76.94 -5.63 -7.68
CA LYS B 313 77.04 -5.32 -6.25
C LYS B 313 75.75 -5.55 -5.48
N LYS B 314 74.62 -5.82 -6.16
CA LYS B 314 73.33 -5.79 -5.51
C LYS B 314 72.45 -6.98 -5.84
N LEU B 315 73.02 -8.04 -6.43
CA LEU B 315 72.23 -9.23 -6.75
C LEU B 315 71.56 -9.82 -5.51
N ILE B 316 72.19 -9.68 -4.33
CA ILE B 316 71.64 -10.23 -3.10
C ILE B 316 70.27 -9.63 -2.80
N TYR B 317 70.22 -8.30 -2.68
CA TYR B 317 68.95 -7.66 -2.31
C TYR B 317 67.96 -7.66 -3.46
N PHE B 318 68.47 -7.72 -4.70
CA PHE B 318 67.60 -7.95 -5.84
C PHE B 318 66.79 -9.22 -5.64
N GLN B 319 67.49 -10.36 -5.53
CA GLN B 319 66.83 -11.64 -5.35
C GLN B 319 66.06 -11.73 -4.03
N LEU B 320 66.41 -10.92 -3.02
CA LEU B 320 65.63 -10.88 -1.79
C LEU B 320 64.23 -10.29 -2.04
N HIS B 321 64.17 -9.09 -2.63
CA HIS B 321 62.84 -8.58 -2.95
C HIS B 321 62.18 -9.37 -4.08
N ARG B 322 62.96 -10.17 -4.82
CA ARG B 322 62.36 -11.09 -5.78
C ARG B 322 61.71 -12.27 -5.09
N ALA B 323 62.24 -12.69 -3.95
CA ALA B 323 61.52 -13.63 -3.09
C ALA B 323 60.30 -12.96 -2.46
N LEU B 324 60.39 -11.66 -2.21
CA LEU B 324 59.22 -10.90 -1.74
C LEU B 324 58.09 -10.92 -2.77
N LYS B 325 58.41 -10.58 -4.02
CA LYS B 325 57.41 -10.57 -5.10
C LYS B 325 57.20 -11.94 -5.73
N MET B 326 57.96 -12.95 -5.32
CA MET B 326 57.87 -14.29 -5.88
C MET B 326 56.69 -15.03 -5.26
N ILE B 327 56.67 -15.10 -3.93
CA ILE B 327 55.53 -15.63 -3.18
C ILE B 327 54.80 -14.48 -2.52
N VAL B 328 54.19 -13.60 -3.33
CA VAL B 328 53.46 -12.48 -2.78
C VAL B 328 52.18 -12.93 -2.08
N ASP B 329 51.70 -14.16 -2.35
CA ASP B 329 50.70 -14.89 -1.57
C ASP B 329 49.23 -14.44 -1.65
N PRO B 330 48.74 -13.76 -2.73
CA PRO B 330 47.29 -13.57 -2.84
C PRO B 330 46.68 -14.18 -4.09
N VAL B 331 45.68 -15.04 -3.90
CA VAL B 331 44.95 -15.66 -5.01
C VAL B 331 43.50 -15.22 -4.92
N GLU B 332 42.97 -14.71 -6.02
CA GLU B 332 41.62 -14.19 -6.12
C GLU B 332 40.57 -15.27 -5.83
N PRO B 333 39.88 -15.20 -4.70
CA PRO B 333 38.68 -16.04 -4.52
C PRO B 333 37.50 -15.33 -5.14
N HIS B 334 36.41 -16.08 -5.30
CA HIS B 334 35.19 -15.56 -5.90
C HIS B 334 34.01 -15.95 -5.02
N GLY B 335 33.32 -14.95 -4.50
CA GLY B 335 32.07 -15.15 -3.80
C GLY B 335 30.92 -15.38 -4.77
N GLU B 336 30.51 -16.64 -4.88
CA GLU B 336 29.45 -17.00 -5.81
C GLU B 336 28.16 -16.26 -5.47
N MET B 337 27.31 -16.05 -6.47
CA MET B 337 26.02 -15.38 -6.27
C MET B 337 24.96 -16.45 -6.03
N LYS B 338 24.47 -16.51 -4.79
CA LYS B 338 23.34 -17.36 -4.42
C LYS B 338 22.25 -16.53 -3.74
N PHE B 339 22.41 -15.21 -3.73
CA PHE B 339 21.31 -14.32 -3.39
C PHE B 339 20.20 -14.37 -4.44
N GLN B 340 20.51 -14.83 -5.65
CA GLN B 340 19.46 -15.16 -6.60
C GLN B 340 18.57 -16.27 -6.05
N TRP B 341 19.14 -17.25 -5.36
CA TRP B 341 18.36 -18.25 -4.61
C TRP B 341 18.19 -17.82 -3.17
N ASP B 342 17.57 -16.65 -2.95
CA ASP B 342 17.13 -16.26 -1.61
C ASP B 342 15.90 -15.38 -1.62
N LEU B 343 15.30 -15.15 -2.79
CA LEU B 343 14.06 -14.40 -2.90
C LEU B 343 12.89 -15.36 -2.82
N ASN B 344 12.12 -15.28 -1.74
CA ASN B 344 11.02 -16.23 -1.47
C ASN B 344 9.81 -15.86 -2.31
N ALA B 345 9.79 -16.36 -3.55
CA ALA B 345 8.72 -16.05 -4.50
C ALA B 345 7.74 -17.21 -4.57
N TRP B 346 6.76 -17.20 -3.67
CA TRP B 346 5.73 -18.24 -3.64
C TRP B 346 4.36 -17.66 -4.02
N THR B 347 4.31 -16.93 -5.15
CA THR B 347 3.16 -16.10 -5.51
C THR B 347 1.82 -16.87 -5.47
N LYS B 348 1.84 -18.17 -5.77
CA LYS B 348 0.60 -18.95 -5.75
C LYS B 348 0.01 -19.03 -4.35
N SER B 349 0.84 -19.25 -3.33
CA SER B 349 0.36 -19.22 -1.95
C SER B 349 -0.24 -17.85 -1.60
N ALA B 350 0.39 -16.77 -2.07
CA ALA B 350 -0.14 -15.43 -1.84
C ALA B 350 -1.54 -15.28 -2.40
N GLU B 351 -1.74 -15.66 -3.67
CA GLU B 351 -3.07 -15.50 -4.25
C GLU B 351 -4.08 -16.43 -3.58
N ALA B 352 -3.65 -17.64 -3.19
CA ALA B 352 -4.56 -18.56 -2.53
C ALA B 352 -5.05 -18.00 -1.21
N PHE B 353 -4.16 -17.36 -0.44
CA PHE B 353 -4.59 -16.83 0.84
C PHE B 353 -5.32 -15.49 0.71
N GLY B 354 -5.09 -14.76 -0.39
CA GLY B 354 -5.79 -13.49 -0.58
C GLY B 354 -7.17 -13.61 -1.20
N LYS B 355 -7.47 -14.74 -1.84
CA LYS B 355 -8.82 -14.95 -2.35
C LYS B 355 -9.86 -14.82 -1.24
N ILE B 356 -9.69 -15.57 -0.16
CA ILE B 356 -10.72 -15.66 0.88
C ILE B 356 -10.87 -14.32 1.60
N SER C 52 56.97 -38.17 5.53
CA SER C 52 56.03 -37.34 4.78
C SER C 52 55.46 -36.19 5.61
N GLU C 53 55.15 -36.46 6.89
CA GLU C 53 54.56 -35.42 7.73
C GLU C 53 55.54 -34.28 7.97
N LEU C 54 56.83 -34.60 8.10
CA LEU C 54 57.86 -33.57 8.25
C LEU C 54 57.98 -32.71 6.99
N GLU C 55 57.85 -33.31 5.81
CA GLU C 55 57.84 -32.54 4.57
C GLU C 55 56.64 -31.59 4.53
N ASP C 56 55.46 -32.07 4.93
CA ASP C 56 54.28 -31.19 4.95
C ASP C 56 54.48 -30.03 5.92
N LEU C 57 55.10 -30.30 7.08
CA LEU C 57 55.39 -29.24 8.06
C LEU C 57 56.36 -28.19 7.50
N SER C 58 57.42 -28.63 6.82
CA SER C 58 58.36 -27.67 6.25
C SER C 58 57.71 -26.85 5.14
N GLU C 59 56.71 -27.43 4.47
CA GLU C 59 55.92 -26.64 3.53
C GLU C 59 55.09 -25.58 4.27
N LEU C 60 54.41 -25.99 5.34
CA LEU C 60 53.57 -25.07 6.13
C LEU C 60 54.35 -23.86 6.61
N GLU C 61 55.60 -24.07 7.01
CA GLU C 61 56.43 -22.95 7.48
C GLU C 61 56.55 -21.86 6.41
N ASP C 62 56.93 -22.26 5.20
CA ASP C 62 57.02 -21.31 4.09
C ASP C 62 55.67 -20.69 3.79
N LEU C 63 54.60 -21.47 3.93
CA LEU C 63 53.25 -20.94 3.69
C LEU C 63 52.93 -19.79 4.62
N LYS C 64 53.31 -19.91 5.89
CA LYS C 64 53.10 -18.80 6.84
C LYS C 64 54.01 -17.62 6.51
N ASP C 65 55.29 -17.90 6.24
CA ASP C 65 56.24 -16.81 6.00
C ASP C 65 55.84 -15.97 4.79
N ALA C 66 55.27 -16.59 3.76
CA ALA C 66 54.88 -15.82 2.58
C ALA C 66 53.82 -14.77 2.93
N LYS C 67 52.80 -15.17 3.69
CA LYS C 67 51.78 -14.22 4.13
C LYS C 67 52.39 -13.11 4.97
N LEU C 68 53.36 -13.47 5.83
CA LEU C 68 54.09 -12.44 6.57
C LEU C 68 54.76 -11.44 5.63
N GLN C 69 55.38 -11.94 4.56
CA GLN C 69 56.04 -11.04 3.60
C GLN C 69 55.04 -10.13 2.92
N THR C 70 53.83 -10.62 2.66
CA THR C 70 52.80 -9.73 2.12
C THR C 70 52.44 -8.63 3.11
N LEU C 71 52.29 -8.99 4.37
CA LEU C 71 52.05 -7.98 5.40
C LEU C 71 53.14 -6.93 5.40
N LYS C 72 54.39 -7.36 5.29
CA LYS C 72 55.50 -6.41 5.23
C LYS C 72 55.40 -5.51 4.00
N GLU C 73 54.95 -6.06 2.86
CA GLU C 73 54.77 -5.23 1.68
C GLU C 73 53.67 -4.20 1.88
N LEU C 74 52.60 -4.59 2.57
CA LEU C 74 51.46 -3.71 2.83
C LEU C 74 51.81 -2.66 3.87
N PHE C 75 51.39 -2.90 5.11
CA PHE C 75 51.75 -2.05 6.23
C PHE C 75 53.10 -2.50 6.77
N PRO C 76 54.18 -1.76 6.49
CA PRO C 76 55.52 -2.28 6.78
C PRO C 76 56.07 -1.86 8.13
N GLN C 77 55.56 -0.76 8.68
CA GLN C 77 56.20 -0.14 9.82
C GLN C 77 56.01 -0.94 11.11
N ARG C 78 54.92 -1.68 11.21
CA ARG C 78 54.69 -2.50 12.40
C ARG C 78 55.67 -3.66 12.42
N SER C 79 56.15 -3.99 13.62
CA SER C 79 57.20 -4.98 13.76
C SER C 79 56.72 -6.35 13.27
N ASP C 80 57.69 -7.20 12.95
CA ASP C 80 57.38 -8.54 12.50
C ASP C 80 56.76 -9.38 13.62
N ASN C 81 57.32 -9.29 14.83
CA ASN C 81 56.75 -9.96 15.99
C ASN C 81 55.30 -9.56 16.23
N ASP C 82 54.87 -8.42 15.69
CA ASP C 82 53.49 -7.99 15.81
C ASP C 82 52.62 -8.64 14.74
N LEU C 83 53.08 -8.62 13.49
CA LEU C 83 52.32 -9.21 12.40
C LEU C 83 52.13 -10.72 12.59
N LEU C 84 53.08 -11.37 13.27
CA LEU C 84 53.01 -12.83 13.41
C LEU C 84 51.85 -13.27 14.30
N LYS C 85 51.69 -12.62 15.45
CA LYS C 85 50.59 -12.97 16.35
C LYS C 85 49.25 -12.82 15.66
N LEU C 86 49.14 -11.90 14.70
CA LEU C 86 47.88 -11.69 14.01
C LEU C 86 47.68 -12.69 12.86
N ILE C 87 48.74 -13.05 12.14
CA ILE C 87 48.55 -14.06 11.09
C ILE C 87 48.26 -15.43 11.71
N GLU C 88 48.71 -15.66 12.96
CA GLU C 88 48.28 -16.86 13.68
C GLU C 88 46.83 -16.72 14.15
N SER C 89 46.47 -15.54 14.69
CA SER C 89 45.10 -15.31 15.12
C SER C 89 44.10 -15.53 14.00
N THR C 90 44.39 -15.02 12.81
CA THR C 90 43.47 -15.12 11.68
C THR C 90 43.38 -16.51 11.10
N SER C 91 44.25 -17.43 11.52
CA SER C 91 44.38 -18.74 10.89
C SER C 91 44.73 -18.60 9.40
N THR C 92 45.41 -17.50 9.08
CA THR C 92 46.04 -17.28 7.78
C THR C 92 45.02 -17.27 6.63
N MET C 93 44.09 -16.34 6.71
CA MET C 93 43.21 -16.02 5.58
C MET C 93 43.74 -14.80 4.86
N ASP C 94 43.87 -14.90 3.54
CA ASP C 94 44.60 -13.88 2.79
C ASP C 94 43.92 -12.51 2.85
N GLY C 95 42.61 -12.46 3.04
CA GLY C 95 41.90 -11.19 3.16
C GLY C 95 41.52 -10.82 4.57
N ALA C 96 41.14 -11.82 5.37
CA ALA C 96 40.84 -11.56 6.78
C ALA C 96 42.07 -11.09 7.54
N ILE C 97 43.25 -11.57 7.15
CA ILE C 97 44.49 -11.04 7.72
C ILE C 97 44.59 -9.54 7.46
N ALA C 98 44.28 -9.12 6.22
CA ALA C 98 44.39 -7.71 5.88
C ALA C 98 43.35 -6.87 6.62
N ALA C 99 42.14 -7.41 6.78
CA ALA C 99 41.11 -6.70 7.55
C ALA C 99 41.55 -6.51 8.99
N ALA C 100 42.09 -7.56 9.62
CA ALA C 100 42.61 -7.42 10.97
C ALA C 100 43.75 -6.41 11.02
N LEU C 101 44.59 -6.36 9.98
CA LEU C 101 45.66 -5.36 9.93
C LEU C 101 45.10 -3.95 9.94
N LEU C 102 44.02 -3.72 9.20
CA LEU C 102 43.36 -2.41 9.25
C LEU C 102 42.79 -2.14 10.63
N MET C 103 42.30 -3.17 11.32
CA MET C 103 41.65 -2.98 12.61
C MET C 103 42.56 -2.27 13.61
N PHE C 104 43.54 -2.97 14.19
CA PHE C 104 44.43 -2.38 15.16
C PHE C 104 45.67 -1.83 14.46
N GLY C 105 45.96 -0.55 14.71
CA GLY C 105 47.03 0.18 14.08
C GLY C 105 46.60 1.60 13.82
N ASP C 106 45.90 1.80 12.71
CA ASP C 106 45.37 3.11 12.35
C ASP C 106 44.40 2.95 11.19
N ALA C 107 44.19 4.03 10.42
CA ALA C 107 43.40 4.00 9.20
C ALA C 107 44.05 4.94 8.21
N GLY C 108 44.53 4.40 7.09
CA GLY C 108 45.24 5.18 6.10
C GLY C 108 44.38 5.56 4.90
N LEU D 7 61.86 5.47 -14.25
CA LEU D 7 62.29 6.26 -15.40
C LEU D 7 62.81 7.63 -14.93
N GLU D 8 61.90 8.60 -14.90
CA GLU D 8 62.23 9.92 -14.38
C GLU D 8 62.42 9.91 -12.86
N LEU D 9 61.99 8.84 -12.18
CA LEU D 9 61.96 8.78 -10.72
C LEU D 9 63.14 8.04 -10.10
N LEU D 10 63.73 7.07 -10.80
CA LEU D 10 64.83 6.31 -10.21
C LEU D 10 66.09 7.15 -10.11
N GLU D 11 66.50 7.77 -11.22
CA GLU D 11 67.72 8.56 -11.25
C GLU D 11 67.75 9.61 -10.16
N HIS D 12 66.59 10.11 -9.76
CA HIS D 12 66.51 11.20 -8.80
C HIS D 12 66.52 10.66 -7.38
N CYS D 13 66.87 11.53 -6.44
CA CYS D 13 67.15 11.12 -5.08
C CYS D 13 65.87 11.02 -4.26
N GLY D 14 65.99 11.22 -2.95
CA GLY D 14 64.86 11.13 -2.05
C GLY D 14 64.09 12.43 -1.92
N VAL D 15 64.44 13.26 -0.94
CA VAL D 15 63.67 14.47 -0.69
C VAL D 15 63.99 15.55 -1.72
N CYS D 16 65.25 15.66 -2.14
CA CYS D 16 65.65 16.70 -3.08
C CYS D 16 65.49 16.29 -4.53
N ARG D 17 65.36 14.99 -4.81
CA ARG D 17 65.20 14.47 -6.17
C ARG D 17 66.34 14.94 -7.06
N GLU D 18 67.52 15.01 -6.47
CA GLU D 18 68.72 15.31 -7.22
C GLU D 18 69.09 14.13 -8.11
N ARG D 19 69.70 14.44 -9.24
CA ARG D 19 70.29 13.41 -10.07
C ARG D 19 71.36 12.66 -9.28
N LEU D 20 71.54 11.38 -9.62
CA LEU D 20 72.48 10.51 -8.94
C LEU D 20 73.89 11.10 -8.92
N ARG D 21 74.16 11.95 -7.94
CA ARG D 21 75.50 12.48 -7.78
C ARG D 21 76.33 11.50 -6.97
N PRO D 22 77.39 10.92 -7.53
CA PRO D 22 78.23 10.00 -6.74
C PRO D 22 78.87 10.68 -5.55
N GLU D 23 79.11 11.99 -5.64
CA GLU D 23 79.61 12.77 -4.52
C GLU D 23 78.59 12.88 -3.40
N ARG D 24 77.30 12.70 -3.69
CA ARG D 24 76.23 12.81 -2.70
C ARG D 24 76.25 11.69 -1.68
N GLU D 25 77.16 10.73 -1.80
CA GLU D 25 77.19 9.54 -0.96
C GLU D 25 75.83 8.86 -0.91
N PRO D 26 75.22 8.57 -2.06
CA PRO D 26 73.87 7.99 -2.04
C PRO D 26 73.91 6.54 -1.56
N ARG D 27 73.12 6.24 -0.54
CA ARG D 27 72.99 4.90 -0.01
C ARG D 27 71.68 4.27 -0.48
N LEU D 28 71.63 2.94 -0.40
CA LEU D 28 70.51 2.15 -0.89
C LEU D 28 69.95 1.29 0.24
N LEU D 29 68.67 1.49 0.55
CA LEU D 29 68.00 0.83 1.66
C LEU D 29 67.58 -0.59 1.29
N PRO D 30 67.22 -1.41 2.27
CA PRO D 30 66.77 -2.77 1.95
C PRO D 30 65.53 -2.83 1.07
N CYS D 31 64.67 -1.82 1.12
CA CYS D 31 63.46 -1.81 0.30
C CYS D 31 63.72 -1.35 -1.13
N LEU D 32 65.00 -1.16 -1.50
CA LEU D 32 65.54 -0.94 -2.82
C LEU D 32 65.43 0.52 -3.27
N HIS D 33 64.80 1.40 -2.50
CA HIS D 33 64.88 2.81 -2.85
C HIS D 33 66.30 3.32 -2.60
N SER D 34 66.59 4.51 -3.14
CA SER D 34 67.92 5.11 -3.03
C SER D 34 67.83 6.58 -2.65
N ALA D 35 68.72 7.02 -1.76
CA ALA D 35 68.74 8.41 -1.33
C ALA D 35 70.08 8.72 -0.69
N CYS D 36 70.45 9.99 -0.69
CA CYS D 36 71.75 10.36 -0.16
C CYS D 36 71.70 10.42 1.35
N SER D 37 72.84 10.12 1.98
CA SER D 37 72.91 10.17 3.43
C SER D 37 72.73 11.59 3.93
N ALA D 38 72.64 12.55 3.01
CA ALA D 38 72.26 13.91 3.34
C ALA D 38 70.75 14.11 3.36
N CYS D 39 69.97 13.14 2.85
CA CYS D 39 68.51 13.15 2.97
C CYS D 39 68.00 12.56 4.28
N LEU D 40 68.64 11.51 4.80
CA LEU D 40 68.23 10.90 6.07
C LEU D 40 69.48 10.48 6.84
N GLY D 41 69.70 11.12 7.97
CA GLY D 41 70.81 10.80 8.84
C GLY D 41 70.45 9.77 9.91
N PRO D 42 69.48 10.10 10.78
CA PRO D 42 69.08 9.15 11.83
C PRO D 42 68.52 7.85 11.27
N THR D 61 69.59 5.17 15.58
CA THR D 61 69.63 3.71 15.60
C THR D 61 69.16 3.14 14.26
N VAL D 62 68.00 2.47 14.28
CA VAL D 62 67.44 1.88 13.07
C VAL D 62 66.96 2.96 12.13
N VAL D 63 67.34 2.87 10.85
CA VAL D 63 67.00 3.90 9.86
C VAL D 63 65.84 3.41 9.01
N ASP D 64 64.86 4.29 8.80
CA ASP D 64 63.64 3.97 8.09
C ASP D 64 63.64 4.57 6.69
N CYS D 65 62.72 4.08 5.86
CA CYS D 65 62.57 4.47 4.46
C CYS D 65 61.62 5.66 4.33
N PRO D 66 61.86 6.57 3.38
CA PRO D 66 60.88 7.63 3.11
C PRO D 66 59.56 7.11 2.54
N VAL D 67 59.48 5.84 2.14
CA VAL D 67 58.24 5.31 1.56
C VAL D 67 57.77 4.08 2.32
N CYS D 68 58.64 3.07 2.47
CA CYS D 68 58.31 1.86 3.19
C CYS D 68 58.46 2.02 4.69
N LYS D 69 59.40 1.30 5.30
CA LYS D 69 59.54 1.29 6.75
C LYS D 69 61.01 1.17 7.13
N GLN D 70 61.24 1.11 8.46
CA GLN D 70 62.54 0.81 9.02
C GLN D 70 62.84 -0.68 8.88
N GLN D 71 62.82 -1.18 7.65
CA GLN D 71 62.91 -2.62 7.41
C GLN D 71 64.22 -3.22 7.92
N CYS D 72 65.24 -2.41 8.16
CA CYS D 72 66.50 -2.94 8.69
C CYS D 72 67.26 -1.85 9.43
N PHE D 73 68.04 -2.28 10.43
CA PHE D 73 69.05 -1.50 11.12
C PHE D 73 69.94 -0.79 10.09
N SER D 74 70.67 0.24 10.51
CA SER D 74 71.60 0.89 9.59
C SER D 74 72.73 -0.04 9.18
N LYS D 75 72.99 -1.10 9.95
CA LYS D 75 74.06 -2.05 9.64
C LYS D 75 73.87 -2.73 8.28
N ASP D 76 72.63 -2.90 7.83
CA ASP D 76 72.37 -3.52 6.53
C ASP D 76 71.95 -2.48 5.51
N ILE D 77 72.75 -1.42 5.38
CA ILE D 77 72.47 -0.34 4.46
C ILE D 77 73.73 -0.12 3.64
N VAL D 78 73.68 -0.49 2.37
CA VAL D 78 74.80 -0.34 1.46
C VAL D 78 74.61 0.96 0.69
N GLU D 79 75.73 1.57 0.29
CA GLU D 79 75.69 2.81 -0.44
C GLU D 79 75.49 2.55 -1.93
N ASN D 80 74.57 3.32 -2.55
CA ASN D 80 74.29 3.16 -3.97
C ASN D 80 75.52 3.50 -4.80
N TYR D 81 75.95 2.54 -5.62
CA TYR D 81 77.04 2.75 -6.55
C TYR D 81 76.43 2.94 -7.93
N PHE D 82 76.11 4.22 -8.27
CA PHE D 82 75.59 4.57 -9.59
C PHE D 82 76.28 5.85 -10.03
N MET D 83 77.50 5.70 -10.50
CA MET D 83 78.35 6.80 -10.94
C MET D 83 78.42 6.69 -12.47
N ARG D 84 77.46 7.31 -13.14
CA ARG D 84 77.28 7.06 -14.57
C ARG D 84 78.41 7.66 -15.39
N ASP D 85 78.83 6.92 -16.42
CA ASP D 85 79.92 7.31 -17.32
C ASP D 85 81.22 7.53 -16.54
N GLY D 151 85.35 8.57 -14.86
CA GLY D 151 86.08 7.35 -15.17
C GLY D 151 86.15 6.39 -14.00
N GLU D 152 84.98 6.00 -13.50
CA GLU D 152 84.87 5.13 -12.34
C GLU D 152 84.17 3.82 -12.69
N ARG D 153 84.50 3.27 -13.86
CA ARG D 153 84.23 1.86 -14.11
C ARG D 153 84.90 1.00 -13.06
N THR D 154 85.86 1.57 -12.33
CA THR D 154 86.54 0.89 -11.24
C THR D 154 85.90 1.24 -9.91
N VAL D 155 85.68 0.22 -9.09
CA VAL D 155 85.28 0.38 -7.70
C VAL D 155 86.25 -0.44 -6.86
N TYR D 156 86.68 0.11 -5.73
CA TYR D 156 87.84 -0.40 -5.02
C TYR D 156 87.43 -1.18 -3.76
N CYS D 157 88.24 -2.20 -3.44
CA CYS D 157 87.86 -3.21 -2.47
C CYS D 157 87.69 -2.62 -1.07
N ASN D 158 87.01 -3.38 -0.20
CA ASN D 158 86.75 -2.91 1.16
C ASN D 158 88.02 -2.88 1.99
N VAL D 159 88.84 -3.93 1.91
CA VAL D 159 89.96 -4.13 2.81
C VAL D 159 91.28 -3.70 2.17
N HIS D 160 91.57 -4.20 0.97
CA HIS D 160 92.89 -4.04 0.37
C HIS D 160 93.05 -2.73 -0.37
N LYS D 161 92.35 -1.68 0.07
CA LYS D 161 92.61 -0.29 -0.30
C LYS D 161 92.50 -0.18 -1.82
N HIS D 162 93.53 0.33 -2.51
CA HIS D 162 93.48 0.64 -3.94
C HIS D 162 93.50 -0.60 -4.82
N GLU D 163 93.38 -1.80 -4.24
CA GLU D 163 93.28 -3.01 -5.04
C GLU D 163 91.83 -3.27 -5.40
N PRO D 164 91.43 -3.02 -6.64
CA PRO D 164 90.00 -3.02 -6.97
C PRO D 164 89.42 -4.41 -7.07
N LEU D 165 88.14 -4.50 -6.70
CA LEU D 165 87.36 -5.70 -6.92
C LEU D 165 87.06 -5.87 -8.40
N VAL D 166 87.35 -7.07 -8.92
CA VAL D 166 87.12 -7.42 -10.32
C VAL D 166 86.63 -8.87 -10.34
N LEU D 167 86.96 -9.62 -9.30
CA LEU D 167 86.78 -11.06 -9.30
C LEU D 167 85.57 -11.44 -8.46
N PHE D 168 85.00 -12.61 -8.74
CA PHE D 168 83.80 -13.07 -8.06
C PHE D 168 84.11 -14.33 -7.25
N CYS D 169 83.90 -14.25 -5.95
CA CYS D 169 84.07 -15.40 -5.07
C CYS D 169 82.79 -16.23 -5.11
N GLU D 170 82.84 -17.40 -5.77
CA GLU D 170 81.64 -18.21 -5.94
C GLU D 170 81.13 -18.76 -4.61
N SER D 171 82.01 -18.97 -3.64
CA SER D 171 81.65 -19.45 -2.31
C SER D 171 81.08 -18.36 -1.41
N CYS D 172 81.13 -17.10 -1.85
CA CYS D 172 80.62 -15.98 -1.06
C CYS D 172 79.62 -15.13 -1.81
N ASP D 173 79.17 -15.55 -3.00
CA ASP D 173 78.07 -14.92 -3.72
C ASP D 173 78.33 -13.47 -4.10
N THR D 174 79.51 -12.94 -3.75
CA THR D 174 79.84 -11.55 -4.03
C THR D 174 81.22 -11.45 -4.67
N LEU D 175 81.75 -10.23 -4.73
CA LEU D 175 83.01 -9.93 -5.39
C LEU D 175 84.13 -9.69 -4.38
N THR D 176 85.35 -9.94 -4.85
CA THR D 176 86.58 -9.63 -4.13
C THR D 176 87.63 -9.21 -5.15
N CYS D 177 88.70 -8.59 -4.64
CA CYS D 177 89.87 -8.32 -5.45
C CYS D 177 90.79 -9.53 -5.40
N ARG D 178 91.94 -9.43 -6.07
CA ARG D 178 92.86 -10.58 -6.13
C ARG D 178 93.32 -11.01 -4.75
N ASP D 179 93.49 -10.06 -3.84
CA ASP D 179 94.13 -10.34 -2.56
C ASP D 179 93.23 -11.15 -1.65
N CYS D 180 91.98 -10.71 -1.47
CA CYS D 180 91.03 -11.43 -0.65
C CYS D 180 90.92 -12.90 -1.06
N GLN D 181 90.97 -13.19 -2.36
CA GLN D 181 90.98 -14.54 -2.88
C GLN D 181 92.27 -15.29 -2.54
N LEU D 182 93.35 -14.60 -2.17
CA LEU D 182 94.56 -15.26 -1.71
C LEU D 182 94.55 -15.47 -0.20
N ASN D 183 94.07 -14.47 0.55
CA ASN D 183 94.01 -14.57 2.01
C ASN D 183 92.70 -15.18 2.46
N ALA D 184 91.65 -14.35 2.54
CA ALA D 184 90.37 -14.79 3.09
C ALA D 184 89.75 -15.94 2.29
N HIS D 185 89.83 -15.87 0.97
CA HIS D 185 89.19 -16.87 0.11
C HIS D 185 90.22 -17.79 -0.51
N LYS D 186 91.24 -18.15 0.26
CA LYS D 186 92.26 -19.08 -0.20
C LYS D 186 91.61 -20.41 -0.53
N ASP D 187 91.70 -20.80 -1.79
CA ASP D 187 91.06 -22.03 -2.28
C ASP D 187 89.58 -22.06 -1.92
N HIS D 188 88.92 -20.91 -2.00
CA HIS D 188 87.48 -20.88 -1.89
C HIS D 188 86.89 -20.85 -3.29
N GLN D 189 85.84 -21.64 -3.51
CA GLN D 189 85.31 -21.87 -4.85
C GLN D 189 85.08 -20.55 -5.57
N TYR D 190 85.51 -20.51 -6.83
CA TYR D 190 85.93 -19.27 -7.45
C TYR D 190 85.35 -19.18 -8.85
N GLN D 191 85.07 -17.95 -9.27
CA GLN D 191 84.55 -17.68 -10.60
C GLN D 191 85.12 -16.36 -11.09
N PHE D 192 85.28 -16.23 -12.40
CA PHE D 192 85.66 -14.97 -12.98
C PHE D 192 84.42 -14.19 -13.39
N LEU D 193 84.58 -12.86 -13.43
CA LEU D 193 83.47 -11.97 -13.79
C LEU D 193 82.84 -12.38 -15.12
N GLU D 194 83.66 -12.56 -16.16
CA GLU D 194 83.12 -12.70 -17.51
C GLU D 194 82.16 -13.88 -17.63
N ASP D 195 82.56 -15.06 -17.14
CA ASP D 195 81.66 -16.21 -17.19
C ASP D 195 80.53 -16.08 -16.16
N ALA D 196 80.86 -15.61 -14.95
CA ALA D 196 79.82 -15.41 -13.95
C ALA D 196 78.84 -14.32 -14.35
N VAL D 197 79.29 -13.28 -15.06
CA VAL D 197 78.36 -12.23 -15.48
C VAL D 197 77.42 -12.76 -16.56
N ARG D 198 77.95 -13.47 -17.55
CA ARG D 198 77.09 -14.08 -18.56
C ARG D 198 76.06 -15.00 -17.92
N ASN D 199 76.52 -15.94 -17.08
CA ASN D 199 75.59 -16.87 -16.45
C ASN D 199 74.61 -16.15 -15.53
N GLN D 200 75.07 -15.14 -14.81
CA GLN D 200 74.20 -14.45 -13.86
C GLN D 200 73.17 -13.60 -14.57
N ARG D 201 73.56 -12.92 -15.65
CA ARG D 201 72.60 -12.18 -16.46
C ARG D 201 71.57 -13.13 -17.06
N LYS D 202 72.02 -14.29 -17.54
CA LYS D 202 71.10 -15.25 -18.15
C LYS D 202 70.18 -15.92 -17.14
N LEU D 203 70.55 -15.97 -15.86
CA LEU D 203 69.64 -16.52 -14.85
C LEU D 203 68.71 -15.46 -14.27
N LEU D 204 69.21 -14.24 -14.05
CA LEU D 204 68.35 -13.17 -13.57
C LEU D 204 67.35 -12.74 -14.63
N ALA D 205 67.71 -12.83 -15.91
CA ALA D 205 66.73 -12.58 -16.97
C ALA D 205 65.63 -13.63 -16.96
N SER D 206 65.95 -14.88 -16.63
CA SER D 206 64.93 -15.91 -16.52
C SER D 206 63.99 -15.63 -15.35
N LEU D 207 64.56 -15.29 -14.19
CA LEU D 207 63.74 -14.91 -13.05
C LEU D 207 62.86 -13.71 -13.38
N VAL D 208 63.40 -12.73 -14.11
CA VAL D 208 62.66 -11.51 -14.43
C VAL D 208 61.52 -11.80 -15.40
N LYS D 209 61.79 -12.60 -16.45
CA LYS D 209 60.74 -12.99 -17.39
C LYS D 209 59.62 -13.75 -16.69
N ARG D 210 59.97 -14.69 -15.80
CA ARG D 210 58.94 -15.42 -15.06
C ARG D 210 58.12 -14.48 -14.17
N LEU D 211 58.76 -13.57 -13.44
CA LEU D 211 57.99 -12.66 -12.59
C LEU D 211 57.19 -11.66 -13.42
N GLY D 212 57.67 -11.31 -14.62
CA GLY D 212 56.89 -10.42 -15.47
C GLY D 212 55.65 -11.08 -16.03
N ASP D 213 55.78 -12.34 -16.47
CA ASP D 213 54.60 -13.10 -16.89
C ASP D 213 53.67 -13.42 -15.73
N LYS D 214 54.18 -13.42 -14.49
CA LYS D 214 53.31 -13.59 -13.33
C LYS D 214 52.57 -12.29 -13.00
N HIS D 215 53.26 -11.14 -13.07
CA HIS D 215 52.64 -9.85 -12.79
C HIS D 215 51.68 -9.40 -13.87
N ALA D 216 51.81 -9.92 -15.09
CA ALA D 216 50.79 -9.68 -16.11
C ALA D 216 49.43 -10.26 -15.68
N THR D 217 49.44 -11.46 -15.11
CA THR D 217 48.20 -12.03 -14.61
C THR D 217 47.58 -11.17 -13.51
N LEU D 218 48.39 -10.43 -12.76
CA LEU D 218 47.83 -9.55 -11.75
C LEU D 218 47.34 -8.23 -12.36
N GLN D 219 48.05 -7.70 -13.36
CA GLN D 219 47.55 -6.54 -14.08
C GLN D 219 46.26 -6.86 -14.84
N LYS D 220 45.98 -8.14 -15.06
CA LYS D 220 44.69 -8.59 -15.59
C LYS D 220 43.63 -8.81 -14.50
N SER D 221 43.98 -9.55 -13.43
CA SER D 221 43.05 -9.80 -12.34
C SER D 221 42.61 -8.52 -11.63
N THR D 222 43.43 -7.45 -11.71
CA THR D 222 42.99 -6.16 -11.19
C THR D 222 41.75 -5.67 -11.91
N LYS D 223 41.82 -5.57 -13.25
CA LYS D 223 40.63 -5.21 -14.03
C LYS D 223 39.52 -6.24 -13.82
N GLU D 224 39.88 -7.50 -13.60
CA GLU D 224 38.89 -8.54 -13.36
C GLU D 224 38.03 -8.21 -12.14
N VAL D 225 38.66 -8.00 -10.99
CA VAL D 225 37.91 -7.62 -9.79
C VAL D 225 37.26 -6.24 -9.93
N ARG D 226 37.89 -5.31 -10.66
CA ARG D 226 37.30 -3.99 -10.85
C ARG D 226 35.95 -4.09 -11.55
N SER D 227 35.86 -4.97 -12.56
CA SER D 227 34.58 -5.18 -13.24
C SER D 227 33.64 -6.07 -12.43
N SER D 228 34.19 -7.01 -11.64
CA SER D 228 33.34 -7.80 -10.76
C SER D 228 32.60 -6.92 -9.75
N ILE D 229 33.22 -5.84 -9.29
CA ILE D 229 32.52 -4.91 -8.40
C ILE D 229 31.31 -4.29 -9.12
N ARG D 230 31.52 -3.79 -10.35
CA ARG D 230 30.41 -3.17 -11.07
C ARG D 230 29.28 -4.17 -11.31
N GLN D 231 29.64 -5.39 -11.71
CA GLN D 231 28.61 -6.40 -11.94
C GLN D 231 27.91 -6.80 -10.64
N VAL D 232 28.65 -6.91 -9.54
CA VAL D 232 28.02 -7.28 -8.29
C VAL D 232 27.09 -6.17 -7.80
N SER D 233 27.47 -4.90 -8.03
CA SER D 233 26.62 -3.80 -7.59
C SER D 233 25.37 -3.68 -8.44
N ASP D 234 25.51 -3.85 -9.76
CA ASP D 234 24.33 -3.85 -10.63
C ASP D 234 23.39 -5.01 -10.28
N VAL D 235 23.95 -6.20 -10.00
CA VAL D 235 23.11 -7.34 -9.64
C VAL D 235 22.49 -7.14 -8.27
N GLN D 236 23.18 -6.47 -7.35
CA GLN D 236 22.61 -6.18 -6.05
C GLN D 236 21.42 -5.23 -6.18
N LYS D 237 21.60 -4.14 -6.94
CA LYS D 237 20.49 -3.23 -7.18
C LYS D 237 19.34 -3.94 -7.90
N ARG D 238 19.65 -4.83 -8.84
CA ARG D 238 18.59 -5.50 -9.58
C ARG D 238 17.85 -6.54 -8.76
N VAL D 239 18.51 -7.28 -7.87
CA VAL D 239 17.77 -8.18 -7.00
C VAL D 239 16.95 -7.37 -5.99
N GLN D 240 17.52 -6.27 -5.49
CA GLN D 240 16.82 -5.38 -4.59
C GLN D 240 15.55 -4.82 -5.23
N VAL D 241 15.58 -4.58 -6.55
CA VAL D 241 14.38 -4.12 -7.24
C VAL D 241 13.46 -5.29 -7.63
N ASP D 242 14.02 -6.47 -7.90
CA ASP D 242 13.20 -7.63 -8.25
C ASP D 242 12.27 -7.98 -7.10
N VAL D 243 12.81 -8.03 -5.88
CA VAL D 243 11.98 -8.34 -4.71
C VAL D 243 10.83 -7.34 -4.60
N LYS D 244 11.16 -6.05 -4.70
CA LYS D 244 10.16 -5.01 -4.51
C LYS D 244 9.07 -5.08 -5.58
N MET D 245 9.46 -5.31 -6.84
CA MET D 245 8.46 -5.36 -7.90
C MET D 245 7.59 -6.62 -7.80
N ALA D 246 8.16 -7.74 -7.35
CA ALA D 246 7.34 -8.93 -7.12
C ALA D 246 6.32 -8.67 -6.02
N ILE D 247 6.76 -8.02 -4.93
CA ILE D 247 5.84 -7.68 -3.85
C ILE D 247 4.73 -6.76 -4.35
N LEU D 248 5.11 -5.77 -5.17
CA LEU D 248 4.13 -4.81 -5.69
C LEU D 248 3.10 -5.49 -6.59
N GLN D 249 3.53 -6.45 -7.42
CA GLN D 249 2.58 -7.20 -8.24
C GLN D 249 1.63 -8.02 -7.37
N ILE D 250 2.17 -8.68 -6.33
CA ILE D 250 1.33 -9.42 -5.39
C ILE D 250 0.26 -8.51 -4.80
N MET D 251 0.66 -7.30 -4.39
CA MET D 251 -0.26 -6.35 -3.79
C MET D 251 -1.30 -5.86 -4.79
N LYS D 252 -0.89 -5.62 -6.04
CA LYS D 252 -1.83 -5.20 -7.09
C LYS D 252 -2.95 -6.23 -7.26
N GLU D 253 -2.58 -7.48 -7.49
CA GLU D 253 -3.60 -8.51 -7.70
C GLU D 253 -4.46 -8.71 -6.45
N LEU D 254 -3.85 -8.60 -5.26
CA LEU D 254 -4.61 -8.74 -4.03
C LEU D 254 -5.64 -7.63 -3.87
N ASN D 255 -5.27 -6.39 -4.20
CA ASN D 255 -6.20 -5.28 -4.10
C ASN D 255 -7.35 -5.43 -5.10
N LYS D 256 -7.05 -5.90 -6.31
CA LYS D 256 -8.12 -6.23 -7.24
C LYS D 256 -9.09 -7.24 -6.64
N ARG D 257 -8.56 -8.36 -6.13
CA ARG D 257 -9.40 -9.44 -5.60
C ARG D 257 -10.10 -9.07 -4.30
N GLY D 258 -9.66 -8.02 -3.62
CA GLY D 258 -10.40 -7.52 -2.47
C GLY D 258 -11.48 -6.54 -2.87
N ARG D 259 -11.13 -5.54 -3.68
CA ARG D 259 -12.09 -4.56 -4.17
C ARG D 259 -13.25 -5.23 -4.90
N VAL D 260 -13.00 -6.41 -5.50
CA VAL D 260 -14.07 -7.16 -6.15
C VAL D 260 -15.13 -7.61 -5.12
N LEU D 261 -14.69 -8.26 -4.04
CA LEU D 261 -15.62 -8.66 -2.98
C LEU D 261 -16.30 -7.46 -2.33
N VAL D 262 -15.59 -6.33 -2.23
CA VAL D 262 -16.21 -5.12 -1.70
C VAL D 262 -17.38 -4.68 -2.58
N ASN D 263 -17.15 -4.60 -3.90
CA ASN D 263 -18.24 -4.24 -4.81
C ASN D 263 -19.40 -5.25 -4.74
N ASP D 264 -19.07 -6.52 -4.47
CA ASP D 264 -20.13 -7.52 -4.31
C ASP D 264 -21.02 -7.19 -3.10
N ALA D 265 -20.40 -6.93 -1.95
CA ALA D 265 -21.18 -6.54 -0.78
C ALA D 265 -21.98 -5.27 -1.05
N GLN D 266 -21.40 -4.33 -1.82
CA GLN D 266 -22.11 -3.08 -2.12
C GLN D 266 -23.39 -3.35 -2.91
N LYS D 267 -23.28 -4.18 -3.95
CA LYS D 267 -24.45 -4.57 -4.74
C LYS D 267 -25.52 -5.23 -3.86
N VAL D 268 -25.09 -6.15 -2.98
CA VAL D 268 -26.04 -6.81 -2.08
C VAL D 268 -26.78 -5.79 -1.22
N THR D 269 -26.03 -4.84 -0.65
CA THR D 269 -26.64 -3.88 0.28
C THR D 269 -27.63 -2.98 -0.43
N GLU D 270 -27.29 -2.48 -1.63
CA GLU D 270 -28.22 -1.56 -2.29
C GLU D 270 -29.44 -2.29 -2.85
N GLY D 271 -29.27 -3.54 -3.29
CA GLY D 271 -30.44 -4.36 -3.55
C GLY D 271 -31.36 -4.48 -2.35
N GLN D 272 -30.79 -4.78 -1.18
CA GLN D 272 -31.63 -4.92 0.01
C GLN D 272 -32.33 -3.62 0.38
N GLN D 273 -31.64 -2.50 0.20
CA GLN D 273 -32.25 -1.21 0.52
C GLN D 273 -33.37 -0.88 -0.46
N GLU D 274 -33.19 -1.18 -1.75
CA GLU D 274 -34.26 -0.94 -2.71
C GLU D 274 -35.46 -1.80 -2.39
N ARG D 275 -35.24 -3.00 -1.85
CA ARG D 275 -36.36 -3.85 -1.46
C ARG D 275 -37.08 -3.30 -0.23
N LEU D 276 -36.34 -2.91 0.81
CA LEU D 276 -36.98 -2.26 1.94
C LEU D 276 -37.54 -0.88 1.61
N GLU D 277 -37.23 -0.34 0.42
CA GLU D 277 -37.61 1.04 0.12
C GLU D 277 -39.10 1.17 -0.10
N ARG D 278 -39.79 0.08 -0.44
CA ARG D 278 -41.22 0.15 -0.73
C ARG D 278 -42.02 0.69 0.45
N GLN D 279 -41.47 0.63 1.66
CA GLN D 279 -42.23 1.05 2.83
C GLN D 279 -42.39 2.56 2.89
N HIS D 280 -41.38 3.30 2.43
CA HIS D 280 -41.56 4.74 2.32
C HIS D 280 -42.60 5.09 1.27
N TRP D 281 -42.60 4.37 0.15
CA TRP D 281 -43.65 4.49 -0.86
C TRP D 281 -45.03 4.32 -0.23
N THR D 282 -45.20 3.23 0.52
CA THR D 282 -46.47 2.94 1.17
C THR D 282 -46.85 4.07 2.13
N MET D 283 -45.93 4.45 3.01
CA MET D 283 -46.20 5.48 4.01
C MET D 283 -46.64 6.78 3.35
N THR D 284 -45.92 7.20 2.30
CA THR D 284 -46.21 8.48 1.67
C THR D 284 -47.60 8.47 1.03
N LYS D 285 -47.92 7.43 0.25
CA LYS D 285 -49.22 7.44 -0.42
C LYS D 285 -50.36 7.38 0.60
N ILE D 286 -50.18 6.60 1.68
CA ILE D 286 -51.20 6.52 2.71
C ILE D 286 -51.41 7.88 3.39
N GLN D 287 -50.29 8.56 3.72
CA GLN D 287 -50.37 9.88 4.32
C GLN D 287 -51.11 10.87 3.43
N LYS D 288 -50.93 10.74 2.12
CA LYS D 288 -51.63 11.63 1.20
C LYS D 288 -53.15 11.43 1.25
N HIS D 289 -53.60 10.16 1.18
CA HIS D 289 -55.05 9.92 1.30
C HIS D 289 -55.59 10.43 2.63
N GLN D 290 -54.88 10.16 3.72
CA GLN D 290 -55.34 10.65 5.00
C GLN D 290 -55.37 12.17 5.05
N GLU D 291 -54.42 12.83 4.39
CA GLU D 291 -54.36 14.29 4.47
C GLU D 291 -55.49 14.93 3.69
N HIS D 292 -55.82 14.37 2.52
CA HIS D 292 -57.02 14.77 1.80
C HIS D 292 -58.23 14.72 2.71
N ILE D 293 -58.48 13.53 3.28
CA ILE D 293 -59.65 13.38 4.18
C ILE D 293 -59.57 14.38 5.33
N LEU D 294 -58.36 14.71 5.77
CA LEU D 294 -58.24 15.44 7.02
C LEU D 294 -58.48 16.92 6.81
N ARG D 295 -57.74 17.51 5.87
CA ARG D 295 -58.12 18.77 5.26
C ARG D 295 -59.64 18.92 5.23
N PHE D 296 -60.33 17.90 4.69
CA PHE D 296 -61.75 18.08 4.43
C PHE D 296 -62.53 18.22 5.71
N ALA D 297 -62.27 17.29 6.64
CA ALA D 297 -62.98 17.25 7.92
C ALA D 297 -62.86 18.56 8.66
N SER D 298 -61.63 19.08 8.77
CA SER D 298 -61.36 20.32 9.51
C SER D 298 -62.14 21.49 8.92
N TRP D 299 -61.99 21.72 7.61
CA TRP D 299 -62.79 22.79 7.01
C TRP D 299 -64.27 22.56 7.24
N ALA D 300 -64.72 21.31 7.12
CA ALA D 300 -66.13 21.02 7.24
C ALA D 300 -66.66 21.46 8.60
N LEU D 301 -65.93 21.20 9.67
CA LEU D 301 -66.46 21.66 10.96
C LEU D 301 -66.35 23.18 11.07
N GLU D 302 -65.26 23.79 10.61
CA GLU D 302 -65.04 25.19 10.96
C GLU D 302 -66.11 26.12 10.37
N SER D 303 -66.76 25.72 9.27
CA SER D 303 -67.85 26.49 8.69
C SER D 303 -69.15 26.00 9.31
N ASP D 304 -69.71 26.78 10.23
CA ASP D 304 -70.89 26.36 10.98
C ASP D 304 -72.02 27.38 10.92
N ASN D 305 -71.86 28.45 10.14
CA ASN D 305 -72.88 29.48 10.00
C ASN D 305 -73.87 29.07 8.93
N ASN D 306 -75.05 28.62 9.35
CA ASN D 306 -76.10 28.12 8.45
C ASN D 306 -75.57 27.03 7.54
N THR D 307 -74.80 26.12 8.12
CA THR D 307 -74.26 24.97 7.41
C THR D 307 -74.63 23.66 8.10
N ALA D 308 -75.52 23.70 9.10
CA ALA D 308 -76.04 22.46 9.67
C ALA D 308 -76.72 21.62 8.60
N LEU D 309 -77.38 22.28 7.64
CA LEU D 309 -77.99 21.57 6.52
C LEU D 309 -76.93 20.92 5.63
N LEU D 310 -76.03 21.73 5.06
CA LEU D 310 -74.97 21.22 4.18
C LEU D 310 -74.18 20.11 4.86
N LEU D 311 -73.85 20.31 6.14
CA LEU D 311 -73.06 19.34 6.90
C LEU D 311 -73.82 18.04 7.13
N SER D 312 -75.09 18.14 7.53
CA SER D 312 -75.87 16.98 7.96
C SER D 312 -76.01 15.91 6.89
N LYS D 313 -75.71 16.22 5.64
CA LYS D 313 -75.91 15.28 4.56
C LYS D 313 -74.81 14.22 4.45
N LYS D 314 -73.59 14.47 4.93
CA LYS D 314 -72.46 13.64 4.55
C LYS D 314 -71.78 12.94 5.73
N LEU D 315 -72.46 12.87 6.87
CA LEU D 315 -71.86 12.16 8.00
C LEU D 315 -71.46 10.74 7.58
N ILE D 316 -72.32 10.10 6.78
CA ILE D 316 -72.10 8.71 6.39
C ILE D 316 -70.78 8.55 5.65
N TYR D 317 -70.50 9.43 4.69
CA TYR D 317 -69.31 9.21 3.87
C TYR D 317 -68.05 9.74 4.54
N PHE D 318 -68.20 10.76 5.40
CA PHE D 318 -67.09 11.12 6.27
C PHE D 318 -66.67 9.94 7.14
N GLN D 319 -67.64 9.20 7.69
CA GLN D 319 -67.26 8.01 8.45
C GLN D 319 -66.88 6.84 7.56
N LEU D 320 -67.25 6.86 6.27
CA LEU D 320 -66.87 5.77 5.37
C LEU D 320 -65.40 5.89 4.97
N HIS D 321 -65.01 7.03 4.40
CA HIS D 321 -63.57 7.25 4.23
C HIS D 321 -62.85 7.38 5.58
N ARG D 322 -63.60 7.50 6.70
CA ARG D 322 -62.97 7.46 8.02
C ARG D 322 -62.73 6.03 8.48
N ALA D 323 -63.52 5.09 7.98
CA ALA D 323 -63.19 3.68 8.04
C ALA D 323 -62.04 3.32 7.10
N LEU D 324 -61.97 4.01 5.95
CA LEU D 324 -60.84 3.83 5.03
C LEU D 324 -59.52 4.22 5.71
N LYS D 325 -59.47 5.44 6.27
CA LYS D 325 -58.31 5.88 7.03
C LYS D 325 -58.31 5.39 8.48
N MET D 326 -59.33 4.64 8.89
CA MET D 326 -59.39 4.15 10.26
C MET D 326 -58.65 2.83 10.41
N ILE D 327 -58.71 1.97 9.39
CA ILE D 327 -57.93 0.73 9.39
C ILE D 327 -56.96 0.76 8.22
N VAL D 328 -55.85 1.50 8.38
CA VAL D 328 -54.94 1.71 7.27
C VAL D 328 -53.99 0.53 7.10
N ASP D 329 -53.72 -0.22 8.18
CA ASP D 329 -53.16 -1.56 8.16
C ASP D 329 -51.65 -1.69 7.90
N PRO D 330 -50.78 -0.68 8.18
CA PRO D 330 -49.34 -0.94 8.01
C PRO D 330 -48.58 -1.07 9.33
N VAL D 331 -47.69 -2.06 9.42
CA VAL D 331 -46.87 -2.29 10.58
C VAL D 331 -45.40 -2.16 10.16
N GLU D 332 -44.67 -1.30 10.86
CA GLU D 332 -43.26 -1.05 10.51
C GLU D 332 -42.41 -2.25 10.89
N PRO D 333 -41.83 -2.96 9.93
CA PRO D 333 -40.85 -4.01 10.26
C PRO D 333 -39.49 -3.39 10.50
N HIS D 334 -38.55 -4.25 10.90
CA HIS D 334 -37.19 -3.79 11.21
C HIS D 334 -36.19 -4.68 10.49
N GLY D 335 -35.42 -4.08 9.59
CA GLY D 335 -34.31 -4.77 8.96
C GLY D 335 -33.10 -4.79 9.86
N GLU D 336 -32.79 -5.95 10.43
CA GLU D 336 -31.69 -6.08 11.38
C GLU D 336 -30.37 -5.69 10.73
N MET D 337 -29.47 -5.13 11.53
CA MET D 337 -28.15 -4.73 11.04
C MET D 337 -27.20 -5.92 11.17
N LYS D 338 -26.82 -6.49 10.04
CA LYS D 338 -25.80 -7.54 9.99
C LYS D 338 -24.60 -7.08 9.18
N PHE D 339 -24.56 -5.81 8.78
CA PHE D 339 -23.40 -5.26 8.11
C PHE D 339 -22.21 -5.10 9.06
N GLN D 340 -22.46 -5.14 10.37
CA GLN D 340 -21.37 -5.13 11.33
C GLN D 340 -20.67 -6.49 11.37
N TRP D 341 -21.44 -7.57 11.23
CA TRP D 341 -20.86 -8.91 11.17
C TRP D 341 -20.86 -9.46 9.74
N ASP D 342 -20.21 -8.73 8.83
CA ASP D 342 -19.83 -9.28 7.54
C ASP D 342 -18.44 -8.79 7.11
N LEU D 343 -17.72 -8.10 7.99
CA LEU D 343 -16.31 -7.81 7.78
C LEU D 343 -15.49 -8.99 8.30
N ASN D 344 -14.71 -9.61 7.41
CA ASN D 344 -13.86 -10.75 7.76
C ASN D 344 -12.60 -10.23 8.44
N ALA D 345 -12.67 -10.09 9.77
CA ALA D 345 -11.53 -9.59 10.55
C ALA D 345 -10.78 -10.79 11.14
N TRP D 346 -9.89 -11.35 10.32
CA TRP D 346 -9.06 -12.48 10.73
C TRP D 346 -7.57 -12.10 10.73
N THR D 347 -7.28 -10.94 11.32
CA THR D 347 -5.97 -10.29 11.15
C THR D 347 -4.80 -11.18 11.57
N LYS D 348 -5.02 -12.03 12.57
CA LYS D 348 -3.97 -12.92 13.06
C LYS D 348 -3.43 -13.83 11.97
N SER D 349 -4.26 -14.20 11.00
CA SER D 349 -3.79 -14.99 9.87
C SER D 349 -3.03 -14.13 8.85
N ALA D 350 -3.47 -12.89 8.66
CA ALA D 350 -2.76 -11.97 7.78
C ALA D 350 -1.31 -11.78 8.23
N GLU D 351 -1.10 -11.50 9.52
CA GLU D 351 0.28 -11.28 9.95
C GLU D 351 1.11 -12.55 9.80
N ALA D 352 0.48 -13.71 10.04
CA ALA D 352 1.22 -14.98 9.97
C ALA D 352 1.69 -15.26 8.56
N PHE D 353 0.81 -15.06 7.58
CA PHE D 353 1.22 -15.29 6.20
C PHE D 353 2.13 -14.19 5.67
N GLY D 354 2.16 -13.01 6.30
CA GLY D 354 3.07 -11.97 5.85
C GLY D 354 4.44 -12.03 6.48
N LYS D 355 4.58 -12.76 7.58
CA LYS D 355 5.88 -12.90 8.23
C LYS D 355 6.91 -13.55 7.31
N ILE D 356 6.58 -14.71 6.73
CA ILE D 356 7.57 -15.47 5.98
C ILE D 356 7.98 -14.72 4.71
N VAL D 357 7.01 -14.20 3.96
CA VAL D 357 7.30 -13.41 2.78
C VAL D 357 6.50 -12.13 2.82
ZN ZN E . -65.76 22.84 -13.21
ZN ZN F . -61.00 11.36 -5.33
ZN ZN G . -91.24 17.06 3.28
ZN ZN H . -88.91 7.88 9.82
ZN ZN I . 90.16 -7.18 -1.58
ZN ZN J . 84.80 -16.91 -0.59
ZN ZN K . 68.87 13.92 -1.70
ZN ZN L . 60.67 2.76 -0.20
#